data_6WJA
#
_entry.id   6WJA
#
_cell.length_a   123.582
_cell.length_b   75.320
_cell.length_c   79.258
_cell.angle_alpha   90.000
_cell.angle_beta   90.000
_cell.angle_gamma   90.000
#
_symmetry.space_group_name_H-M   'P 21 21 2'
#
loop_
_entity.id
_entity.type
_entity.pdbx_description
1 polymer 'NAD-dependent epimerase/dehydratase family protein'
2 non-polymer NICOTINAMIDE-ADENINE-DINUCLEOTIDE
3 non-polymer URIDINE-DIPHOSPHATE-N-ACETYLGALACTOSAMINE
4 water water
#
_entity_poly.entity_id   1
_entity_poly.type   'polypeptide(L)'
_entity_poly.pdbx_seq_one_letter_code
;MSAERILVTGGAGFIGSHLVDALLAKGYAVRVLDDLSTGKVGNLPMGDAGLELLVGDAADAALLADAVQGCDAVVHLAAV
ASVQASVEDPVATHQSNFIATLRLCEAMTAAGIRRVVFASAAAVYGNNGEGTPIAEDTPKSPLTPFAADKLASEYYLDFY
RRQHGLEPVILRFFNIFGPRQDPSSPYSGVISIFSERAKAGRPITLFGDGGQTRDFVYVADLVKILVQGLESPAPAADAT
NVGLGGVTTLNDLIGALQQISGKPLQVSHGATRSGDIRHSKADNRRLRERFDLGTPSSLAEGLERLYRSL
;
_entity_poly.pdbx_strand_id   A,B
#
loop_
_chem_comp.id
_chem_comp.type
_chem_comp.name
_chem_comp.formula
NAD non-polymer NICOTINAMIDE-ADENINE-DINUCLEOTIDE 'C21 H27 N7 O14 P2'
UD2 non-polymer URIDINE-DIPHOSPHATE-N-ACETYLGALACTOSAMINE 'C17 H27 N3 O17 P2'
#
# COMPACT_ATOMS: atom_id res chain seq x y z
N GLU A 4 5.11 34.17 -0.07
CA GLU A 4 5.03 32.71 0.08
C GLU A 4 4.29 32.05 -1.08
N ARG A 5 4.89 31.00 -1.62
CA ARG A 5 4.38 30.29 -2.79
C ARG A 5 3.96 28.87 -2.42
N ILE A 6 2.76 28.49 -2.83
CA ILE A 6 2.21 27.16 -2.57
C ILE A 6 2.16 26.39 -3.89
N LEU A 7 2.69 25.17 -3.88
CA LEU A 7 2.52 24.23 -4.99
C LEU A 7 1.23 23.44 -4.78
N VAL A 8 0.34 23.44 -5.77
CA VAL A 8 -0.88 22.65 -5.72
C VAL A 8 -0.85 21.68 -6.90
N THR A 9 -0.48 20.42 -6.64
CA THR A 9 -0.64 19.40 -7.67
C THR A 9 -2.13 19.10 -7.85
N GLY A 10 -2.53 18.89 -9.09
CA GLY A 10 -3.95 18.76 -9.37
C GLY A 10 -4.75 20.04 -9.18
N GLY A 11 -4.10 21.20 -9.20
CA GLY A 11 -4.74 22.46 -8.91
C GLY A 11 -5.73 22.95 -9.96
N ALA A 12 -5.75 22.34 -11.15
CA ALA A 12 -6.72 22.70 -12.19
C ALA A 12 -8.02 21.92 -12.08
N GLY A 13 -8.15 21.01 -11.11
CA GLY A 13 -9.34 20.20 -10.96
C GLY A 13 -10.41 20.86 -10.11
N PHE A 14 -11.39 20.04 -9.73
CA PHE A 14 -12.55 20.46 -8.94
C PHE A 14 -12.12 21.07 -7.61
N ILE A 15 -11.58 20.25 -6.71
CA ILE A 15 -11.15 20.77 -5.41
C ILE A 15 -9.97 21.73 -5.56
N GLY A 16 -9.00 21.36 -6.41
CA GLY A 16 -7.79 22.15 -6.53
C GLY A 16 -8.04 23.58 -6.96
N SER A 17 -8.93 23.79 -7.94
CA SER A 17 -9.12 25.15 -8.44
C SER A 17 -9.82 26.02 -7.41
N HIS A 18 -10.75 25.43 -6.63
CA HIS A 18 -11.34 26.20 -5.55
C HIS A 18 -10.29 26.56 -4.50
N LEU A 19 -9.37 25.63 -4.21
CA LEU A 19 -8.25 25.94 -3.33
C LEU A 19 -7.39 27.05 -3.91
N VAL A 20 -7.08 26.98 -5.21
CA VAL A 20 -6.26 28.02 -5.83
C VAL A 20 -6.88 29.40 -5.66
N ASP A 21 -8.19 29.51 -5.94
CA ASP A 21 -8.90 30.75 -5.70
C ASP A 21 -8.68 31.25 -4.28
N ALA A 22 -8.88 30.37 -3.27
CA ALA A 22 -8.76 30.80 -1.87
C ALA A 22 -7.34 31.24 -1.54
N LEU A 23 -6.34 30.50 -1.99
CA LEU A 23 -4.95 30.85 -1.68
C LEU A 23 -4.55 32.17 -2.33
N LEU A 24 -4.97 32.41 -3.58
CA LEU A 24 -4.67 33.69 -4.21
C LEU A 24 -5.35 34.84 -3.48
N ALA A 25 -6.61 34.63 -3.08
CA ALA A 25 -7.35 35.66 -2.35
C ALA A 25 -6.70 35.99 -1.01
N LYS A 26 -5.96 35.05 -0.43
CA LYS A 26 -5.27 35.27 0.84
C LYS A 26 -3.89 35.90 0.67
N GLY A 27 -3.43 36.10 -0.56
CA GLY A 27 -2.16 36.74 -0.80
C GLY A 27 -1.01 35.80 -1.16
N TYR A 28 -1.25 34.50 -1.19
CA TYR A 28 -0.21 33.57 -1.63
C TYR A 28 -0.01 33.68 -3.12
N ALA A 29 1.24 33.45 -3.55
CA ALA A 29 1.50 33.03 -4.91
C ALA A 29 1.24 31.53 -5.00
N VAL A 30 0.63 31.10 -6.12
CA VAL A 30 0.17 29.73 -6.26
C VAL A 30 0.72 29.15 -7.55
N ARG A 31 1.38 28.00 -7.46
CA ARG A 31 1.86 27.26 -8.61
C ARG A 31 1.05 25.99 -8.76
N VAL A 32 0.44 25.80 -9.92
CA VAL A 32 -0.35 24.62 -10.21
C VAL A 32 0.46 23.67 -11.06
N LEU A 33 0.51 22.40 -10.66
CA LEU A 33 1.05 21.32 -11.47
C LEU A 33 -0.10 20.39 -11.81
N ASP A 34 -0.43 20.29 -13.10
CA ASP A 34 -1.61 19.54 -13.51
C ASP A 34 -1.40 19.05 -14.94
N ASP A 35 -1.80 17.81 -15.22
CA ASP A 35 -1.64 17.30 -16.57
C ASP A 35 -2.88 17.52 -17.43
N LEU A 36 -3.91 18.16 -16.86
CA LEU A 36 -5.13 18.52 -17.58
C LEU A 36 -5.83 17.28 -18.13
N SER A 37 -5.66 16.16 -17.45
CA SER A 37 -6.41 14.96 -17.81
C SER A 37 -7.90 15.15 -17.50
N THR A 38 -8.21 15.59 -16.27
CA THR A 38 -9.56 16.04 -15.94
C THR A 38 -9.63 17.50 -15.54
N GLY A 39 -8.53 18.11 -15.08
CA GLY A 39 -8.54 19.52 -14.80
C GLY A 39 -8.70 20.36 -16.06
N LYS A 40 -9.19 21.59 -15.88
CA LYS A 40 -9.46 22.49 -16.99
C LYS A 40 -8.88 23.87 -16.67
N VAL A 41 -8.20 24.45 -17.67
CA VAL A 41 -7.64 25.79 -17.48
C VAL A 41 -8.76 26.79 -17.20
N GLY A 42 -9.98 26.50 -17.69
CA GLY A 42 -11.14 27.32 -17.37
C GLY A 42 -11.56 27.28 -15.92
N ASN A 43 -11.09 26.30 -15.15
CA ASN A 43 -11.35 26.32 -13.71
C ASN A 43 -10.47 27.32 -12.97
N LEU A 44 -9.40 27.82 -13.62
CA LEU A 44 -8.35 28.61 -12.98
C LEU A 44 -8.46 30.09 -13.34
N PRO A 45 -8.11 30.99 -12.42
CA PRO A 45 -8.13 32.44 -12.73
C PRO A 45 -6.85 32.86 -13.45
N MET A 46 -6.73 32.40 -14.69
CA MET A 46 -5.53 32.64 -15.48
C MET A 46 -5.32 34.13 -15.70
N GLY A 47 -4.05 34.53 -15.74
CA GLY A 47 -3.74 35.94 -15.73
C GLY A 47 -4.03 36.61 -14.40
N ASP A 48 -3.94 35.87 -13.29
CA ASP A 48 -4.05 36.52 -12.00
C ASP A 48 -2.78 37.29 -11.65
N ALA A 49 -1.63 36.85 -12.14
CA ALA A 49 -0.27 37.35 -11.91
C ALA A 49 0.34 36.77 -10.64
N GLY A 50 -0.45 36.14 -9.77
CA GLY A 50 0.11 35.40 -8.66
C GLY A 50 0.04 33.92 -8.96
N LEU A 51 -0.59 33.58 -10.07
CA LEU A 51 -0.82 32.21 -10.47
C LEU A 51 0.16 31.80 -11.56
N GLU A 52 0.81 30.66 -11.38
CA GLU A 52 1.75 30.12 -12.36
C GLU A 52 1.33 28.69 -12.65
N LEU A 53 1.12 28.37 -13.93
CA LEU A 53 0.63 27.07 -14.35
C LEU A 53 1.75 26.28 -15.01
N LEU A 54 2.04 25.10 -14.46
CA LEU A 54 2.86 24.08 -15.11
C LEU A 54 1.95 22.95 -15.56
N VAL A 55 2.15 22.48 -16.79
CA VAL A 55 1.37 21.38 -17.34
C VAL A 55 2.30 20.19 -17.51
N GLY A 56 1.95 19.07 -16.87
CA GLY A 56 2.76 17.88 -16.97
C GLY A 56 2.36 16.85 -15.93
N ASP A 57 3.17 15.79 -15.86
CA ASP A 57 2.86 14.63 -15.04
C ASP A 57 3.47 14.79 -13.66
N ALA A 58 2.62 14.69 -12.63
CA ALA A 58 3.10 14.82 -11.25
C ALA A 58 4.05 13.69 -10.86
N ALA A 59 4.07 12.59 -11.60
CA ALA A 59 5.02 11.52 -11.36
C ALA A 59 6.35 11.73 -12.07
N ASP A 60 6.51 12.83 -12.82
CA ASP A 60 7.73 13.08 -13.57
C ASP A 60 8.77 13.74 -12.67
N ALA A 61 9.88 13.04 -12.42
CA ALA A 61 10.87 13.49 -11.44
C ALA A 61 11.45 14.85 -11.80
N ALA A 62 11.84 15.04 -13.07
CA ALA A 62 12.50 16.30 -13.43
C ALA A 62 11.52 17.47 -13.37
N LEU A 63 10.27 17.24 -13.74
CA LEU A 63 9.27 18.31 -13.65
C LEU A 63 8.98 18.67 -12.19
N LEU A 64 8.89 17.67 -11.32
CA LEU A 64 8.63 17.92 -9.91
C LEU A 64 9.76 18.71 -9.26
N ALA A 65 11.01 18.40 -9.64
CA ALA A 65 12.16 19.13 -9.10
C ALA A 65 12.09 20.62 -9.42
N ASP A 66 11.66 20.95 -10.65
CA ASP A 66 11.40 22.35 -10.98
C ASP A 66 10.21 22.90 -10.19
N ALA A 67 9.14 22.11 -10.08
CA ALA A 67 7.88 22.62 -9.54
C ALA A 67 8.01 23.02 -8.07
N VAL A 68 8.77 22.25 -7.29
CA VAL A 68 8.89 22.56 -5.86
C VAL A 68 9.92 23.65 -5.58
N GLN A 69 10.81 23.94 -6.53
CA GLN A 69 11.84 24.96 -6.30
C GLN A 69 11.22 26.31 -6.04
N GLY A 70 11.57 26.92 -4.91
CA GLY A 70 11.00 28.19 -4.51
C GLY A 70 9.65 28.11 -3.84
N CYS A 71 9.19 26.91 -3.51
CA CYS A 71 7.89 26.75 -2.89
C CYS A 71 8.06 26.56 -1.39
N ASP A 72 7.12 27.11 -0.64
CA ASP A 72 7.17 26.98 0.81
C ASP A 72 6.37 25.80 1.33
N ALA A 73 5.35 25.37 0.59
CA ALA A 73 4.49 24.28 1.03
C ALA A 73 3.80 23.67 -0.19
N VAL A 74 3.18 22.52 0.00
CA VAL A 74 2.58 21.77 -1.10
C VAL A 74 1.21 21.24 -0.66
N VAL A 75 0.24 21.29 -1.57
CA VAL A 75 -1.00 20.53 -1.43
C VAL A 75 -1.04 19.55 -2.59
N HIS A 76 -1.07 18.27 -2.26
CA HIS A 76 -0.94 17.20 -3.23
C HIS A 76 -2.33 16.61 -3.49
N LEU A 77 -2.98 17.13 -4.53
CA LEU A 77 -4.32 16.71 -4.92
C LEU A 77 -4.31 15.90 -6.21
N ALA A 78 -3.19 15.85 -6.94
CA ALA A 78 -3.18 15.17 -8.23
C ALA A 78 -3.38 13.67 -8.05
N ALA A 79 -4.32 13.12 -8.79
CA ALA A 79 -4.59 11.69 -8.83
C ALA A 79 -5.62 11.49 -9.92
N VAL A 80 -5.70 10.27 -10.43
CA VAL A 80 -6.85 9.88 -11.23
C VAL A 80 -7.98 9.59 -10.25
N ALA A 81 -8.96 10.49 -10.18
CA ALA A 81 -9.94 10.43 -9.09
C ALA A 81 -10.88 9.25 -9.26
N SER A 82 -11.10 8.82 -10.51
CA SER A 82 -12.06 7.76 -10.81
C SER A 82 -11.55 6.42 -10.32
N VAL A 83 -12.24 5.83 -9.34
CA VAL A 83 -11.91 4.49 -8.91
C VAL A 83 -12.00 3.51 -10.07
N GLN A 84 -13.02 3.67 -10.92
CA GLN A 84 -13.22 2.69 -11.98
C GLN A 84 -12.10 2.74 -13.02
N ALA A 85 -11.51 3.91 -13.27
CA ALA A 85 -10.36 3.94 -14.17
C ALA A 85 -9.18 3.16 -13.58
N SER A 86 -9.07 3.11 -12.25
CA SER A 86 -8.00 2.32 -11.65
C SER A 86 -8.28 0.82 -11.78
N VAL A 87 -9.56 0.43 -11.80
CA VAL A 87 -9.94 -0.96 -12.02
C VAL A 87 -9.62 -1.37 -13.45
N GLU A 88 -9.83 -0.46 -14.39
CA GLU A 88 -9.63 -0.79 -15.79
C GLU A 88 -8.16 -0.78 -16.17
N ASP A 89 -7.33 -0.03 -15.46
CA ASP A 89 -5.92 0.12 -15.81
C ASP A 89 -5.10 0.34 -14.55
N PRO A 90 -4.86 -0.74 -13.78
CA PRO A 90 -4.07 -0.60 -12.55
C PRO A 90 -2.69 -0.03 -12.78
N VAL A 91 -2.04 -0.40 -13.89
CA VAL A 91 -0.64 -0.02 -14.11
C VAL A 91 -0.53 1.49 -14.33
N ALA A 92 -1.38 2.05 -15.21
CA ALA A 92 -1.27 3.46 -15.52
C ALA A 92 -1.69 4.33 -14.33
N THR A 93 -2.77 3.95 -13.62
CA THR A 93 -3.23 4.77 -12.50
C THR A 93 -2.30 4.69 -11.29
N HIS A 94 -1.58 3.57 -11.12
CA HIS A 94 -0.60 3.50 -10.03
C HIS A 94 0.46 4.59 -10.17
N GLN A 95 0.84 4.95 -11.40
CA GLN A 95 1.78 6.05 -11.60
C GLN A 95 1.21 7.35 -11.04
N SER A 96 -0.05 7.64 -11.33
CA SER A 96 -0.66 8.91 -10.89
C SER A 96 -1.05 8.86 -9.42
N ASN A 97 -1.54 7.71 -8.95
CA ASN A 97 -2.14 7.63 -7.61
C ASN A 97 -1.14 7.27 -6.52
N PHE A 98 0.02 6.72 -6.88
CA PHE A 98 1.04 6.47 -5.87
C PHE A 98 2.41 7.03 -6.23
N ILE A 99 2.90 6.76 -7.46
CA ILE A 99 4.26 7.17 -7.80
C ILE A 99 4.41 8.68 -7.67
N ALA A 100 3.37 9.42 -8.04
CA ALA A 100 3.43 10.87 -7.90
C ALA A 100 3.66 11.27 -6.44
N THR A 101 3.07 10.53 -5.49
CA THR A 101 3.32 10.82 -4.08
C THR A 101 4.77 10.53 -3.71
N LEU A 102 5.28 9.36 -4.11
CA LEU A 102 6.67 9.02 -3.81
C LEU A 102 7.63 10.05 -4.42
N ARG A 103 7.45 10.38 -5.70
CA ARG A 103 8.34 11.35 -6.35
C ARG A 103 8.28 12.70 -5.64
N LEU A 104 7.08 13.08 -5.17
CA LEU A 104 6.96 14.37 -4.48
C LEU A 104 7.71 14.34 -3.15
N CYS A 105 7.60 13.24 -2.39
CA CYS A 105 8.38 13.09 -1.17
C CYS A 105 9.86 13.28 -1.45
N GLU A 106 10.36 12.61 -2.48
CA GLU A 106 11.75 12.75 -2.87
C GLU A 106 12.10 14.20 -3.19
N ALA A 107 11.24 14.87 -3.97
CA ALA A 107 11.56 16.25 -4.38
C ALA A 107 11.45 17.21 -3.21
N MET A 108 10.52 16.96 -2.27
CA MET A 108 10.41 17.84 -1.12
C MET A 108 11.60 17.68 -0.19
N THR A 109 12.05 16.46 0.01
CA THR A 109 13.21 16.22 0.87
C THR A 109 14.46 16.87 0.29
N ALA A 110 14.68 16.73 -1.02
CA ALA A 110 15.87 17.32 -1.62
C ALA A 110 15.85 18.83 -1.52
N ALA A 111 14.68 19.45 -1.68
CA ALA A 111 14.57 20.89 -1.66
C ALA A 111 14.37 21.47 -0.26
N GLY A 112 14.23 20.62 0.76
CA GLY A 112 14.08 21.10 2.11
C GLY A 112 12.71 21.63 2.48
N ILE A 113 11.67 21.18 1.79
CA ILE A 113 10.30 21.63 2.03
C ILE A 113 9.59 20.57 2.87
N ARG A 114 8.95 20.98 3.96
CA ARG A 114 8.38 20.05 4.93
C ARG A 114 6.88 19.84 4.80
N ARG A 115 6.10 20.90 4.66
CA ARG A 115 4.65 20.81 4.82
C ARG A 115 3.99 20.33 3.52
N VAL A 116 3.26 19.21 3.59
CA VAL A 116 2.50 18.72 2.44
C VAL A 116 1.13 18.25 2.95
N VAL A 117 0.07 18.85 2.44
CA VAL A 117 -1.30 18.42 2.73
C VAL A 117 -1.69 17.42 1.66
N PHE A 118 -2.18 16.24 2.09
CA PHE A 118 -2.41 15.14 1.18
C PHE A 118 -3.88 14.74 1.15
N ALA A 119 -4.42 14.58 -0.05
CA ALA A 119 -5.80 14.14 -0.29
C ALA A 119 -5.85 12.61 -0.29
N SER A 120 -6.11 12.04 0.87
CA SER A 120 -6.45 10.62 0.92
C SER A 120 -7.97 10.50 0.81
N ALA A 121 -8.51 9.32 1.10
CA ALA A 121 -9.87 9.03 0.67
C ALA A 121 -10.53 8.01 1.60
N ALA A 122 -11.85 8.16 1.79
CA ALA A 122 -12.61 7.20 2.56
C ALA A 122 -12.58 5.79 1.96
N ALA A 123 -12.24 5.67 0.67
CA ALA A 123 -12.10 4.35 0.05
C ALA A 123 -11.09 3.43 0.76
N VAL A 124 -10.15 3.97 1.55
CA VAL A 124 -9.20 3.08 2.24
C VAL A 124 -9.89 2.16 3.24
N TYR A 125 -11.12 2.50 3.66
CA TYR A 125 -11.86 1.67 4.61
C TYR A 125 -12.62 0.52 3.96
N GLY A 126 -12.69 0.48 2.62
CA GLY A 126 -13.54 -0.53 1.99
C GLY A 126 -14.97 -0.45 2.47
N ASN A 127 -15.56 -1.61 2.76
CA ASN A 127 -16.91 -1.68 3.32
C ASN A 127 -16.91 -1.72 4.85
N ASN A 128 -15.76 -1.55 5.48
CA ASN A 128 -15.71 -1.72 6.94
C ASN A 128 -16.50 -0.64 7.67
N GLY A 129 -16.67 0.52 7.05
CA GLY A 129 -17.47 1.52 7.73
C GLY A 129 -18.98 1.39 7.65
N GLU A 130 -19.51 0.34 7.03
CA GLU A 130 -20.96 0.19 6.85
C GLU A 130 -21.69 0.31 8.18
N GLY A 131 -22.58 1.31 8.25
CA GLY A 131 -23.50 1.40 9.38
C GLY A 131 -22.90 1.86 10.69
N THR A 132 -21.70 2.45 10.67
CA THR A 132 -21.03 2.87 11.89
C THR A 132 -20.30 4.18 11.65
N PRO A 133 -20.22 5.05 12.66
CA PRO A 133 -19.40 6.26 12.50
C PRO A 133 -17.94 5.85 12.24
N ILE A 134 -17.43 6.24 11.08
CA ILE A 134 -16.14 5.74 10.63
C ILE A 134 -15.03 6.58 11.25
N ALA A 135 -14.33 5.99 12.22
CA ALA A 135 -13.15 6.58 12.87
C ALA A 135 -11.88 6.23 12.10
N GLU A 136 -10.80 6.99 12.36
CA GLU A 136 -9.56 6.80 11.60
C GLU A 136 -8.93 5.43 11.84
N ASP A 137 -9.19 4.79 12.97
CA ASP A 137 -8.72 3.43 13.20
C ASP A 137 -9.72 2.35 12.77
N THR A 138 -10.79 2.72 12.05
CA THR A 138 -11.59 1.70 11.38
C THR A 138 -10.68 0.83 10.53
N PRO A 139 -10.79 -0.50 10.59
CA PRO A 139 -9.88 -1.35 9.83
C PRO A 139 -9.88 -1.00 8.35
N LYS A 140 -8.71 -1.12 7.73
CA LYS A 140 -8.52 -0.72 6.34
C LYS A 140 -8.82 -1.89 5.42
N SER A 141 -9.46 -1.58 4.30
CA SER A 141 -9.73 -2.65 3.36
C SER A 141 -9.83 -2.06 1.96
N PRO A 142 -8.73 -1.51 1.44
CA PRO A 142 -8.78 -0.90 0.09
C PRO A 142 -9.12 -1.95 -0.94
N LEU A 143 -10.19 -1.70 -1.69
CA LEU A 143 -10.73 -2.71 -2.58
C LEU A 143 -10.28 -2.56 -4.03
N THR A 144 -9.71 -1.42 -4.40
CA THR A 144 -9.29 -1.14 -5.77
C THR A 144 -7.85 -0.64 -5.76
N PRO A 145 -7.19 -0.62 -6.94
CA PRO A 145 -5.86 0.01 -7.00
C PRO A 145 -5.85 1.44 -6.51
N PHE A 146 -6.88 2.23 -6.83
CA PHE A 146 -6.96 3.60 -6.34
C PHE A 146 -6.88 3.65 -4.81
N ALA A 147 -7.70 2.83 -4.14
CA ALA A 147 -7.74 2.87 -2.68
C ALA A 147 -6.44 2.34 -2.08
N ALA A 148 -5.87 1.28 -2.66
CA ALA A 148 -4.60 0.78 -2.14
C ALA A 148 -3.50 1.84 -2.33
N ASP A 149 -3.55 2.59 -3.42
CA ASP A 149 -2.54 3.62 -3.70
C ASP A 149 -2.66 4.80 -2.73
N LYS A 150 -3.88 5.21 -2.40
CA LYS A 150 -4.04 6.28 -1.41
C LYS A 150 -3.47 5.85 -0.07
N LEU A 151 -3.75 4.61 0.34
CA LEU A 151 -3.27 4.14 1.63
C LEU A 151 -1.75 3.95 1.61
N ALA A 152 -1.21 3.44 0.50
CA ALA A 152 0.25 3.32 0.37
C ALA A 152 0.91 4.70 0.39
N SER A 153 0.28 5.69 -0.25
CA SER A 153 0.78 7.06 -0.16
C SER A 153 0.87 7.51 1.29
N GLU A 154 -0.18 7.23 2.08
CA GLU A 154 -0.17 7.56 3.50
C GLU A 154 1.03 6.95 4.20
N TYR A 155 1.29 5.65 3.95
CA TYR A 155 2.38 4.98 4.63
C TYR A 155 3.73 5.55 4.24
N TYR A 156 3.91 5.87 2.94
CA TYR A 156 5.17 6.48 2.52
C TYR A 156 5.33 7.87 3.12
N LEU A 157 4.25 8.68 3.12
CA LEU A 157 4.33 9.99 3.74
C LEU A 157 4.77 9.90 5.19
N ASP A 158 4.26 8.90 5.92
CA ASP A 158 4.65 8.73 7.32
C ASP A 158 6.11 8.31 7.43
N PHE A 159 6.59 7.46 6.51
CA PHE A 159 8.01 7.10 6.51
C PHE A 159 8.89 8.32 6.25
N TYR A 160 8.49 9.20 5.32
CA TYR A 160 9.30 10.39 5.08
C TYR A 160 9.22 11.36 6.25
N ARG A 161 8.11 11.36 6.98
CA ARG A 161 8.03 12.17 8.20
C ARG A 161 9.06 11.70 9.23
N ARG A 162 9.09 10.40 9.52
CA ARG A 162 9.97 9.90 10.56
C ARG A 162 11.43 9.87 10.09
N GLN A 163 11.67 9.57 8.82
CA GLN A 163 13.03 9.41 8.34
C GLN A 163 13.65 10.70 7.78
N HIS A 164 12.84 11.64 7.30
CA HIS A 164 13.39 12.81 6.63
C HIS A 164 12.76 14.13 7.06
N GLY A 165 11.97 14.16 8.13
CA GLY A 165 11.47 15.41 8.67
C GLY A 165 10.31 16.03 7.93
N LEU A 166 9.70 15.31 6.97
CA LEU A 166 8.50 15.80 6.30
C LEU A 166 7.38 16.08 7.32
N GLU A 167 6.51 17.04 7.01
CA GLU A 167 5.32 17.33 7.81
C GLU A 167 4.05 17.08 7.00
N PRO A 168 3.62 15.83 6.86
CA PRO A 168 2.39 15.54 6.11
C PRO A 168 1.13 15.84 6.93
N VAL A 169 0.13 16.36 6.24
CA VAL A 169 -1.21 16.53 6.78
C VAL A 169 -2.12 15.63 5.97
N ILE A 170 -2.42 14.46 6.52
CA ILE A 170 -3.14 13.41 5.81
C ILE A 170 -4.63 13.55 6.08
N LEU A 171 -5.40 13.74 5.03
CA LEU A 171 -6.82 14.03 5.12
C LEU A 171 -7.58 13.02 4.27
N ARG A 172 -8.48 12.27 4.89
CA ARG A 172 -9.28 11.28 4.17
C ARG A 172 -10.63 11.92 3.84
N PHE A 173 -10.81 12.29 2.58
CA PHE A 173 -12.03 13.01 2.17
C PHE A 173 -13.20 12.04 2.10
N PHE A 174 -14.35 12.49 2.63
CA PHE A 174 -15.59 11.77 2.35
C PHE A 174 -16.23 12.38 1.10
N ASN A 175 -17.54 12.57 1.03
CA ASN A 175 -18.19 12.85 -0.26
C ASN A 175 -18.22 14.36 -0.52
N ILE A 176 -17.23 14.85 -1.28
CA ILE A 176 -17.13 16.27 -1.58
C ILE A 176 -18.03 16.62 -2.76
N PHE A 177 -18.61 17.82 -2.74
CA PHE A 177 -19.47 18.25 -3.84
C PHE A 177 -19.39 19.77 -4.00
N GLY A 178 -19.83 20.25 -5.17
CA GLY A 178 -19.90 21.67 -5.40
C GLY A 178 -19.68 22.05 -6.85
N PRO A 179 -19.62 23.36 -7.13
CA PRO A 179 -19.36 23.81 -8.51
C PRO A 179 -18.03 23.30 -9.02
N ARG A 180 -17.99 23.01 -10.32
CA ARG A 180 -16.85 22.50 -11.10
C ARG A 180 -16.63 20.99 -10.94
N GLN A 181 -17.43 20.29 -10.13
CA GLN A 181 -17.29 18.85 -10.07
C GLN A 181 -17.89 18.24 -11.33
N ASP A 182 -17.04 17.56 -12.10
CA ASP A 182 -17.36 17.02 -13.41
C ASP A 182 -18.48 15.97 -13.34
N PRO A 183 -19.66 16.26 -13.89
CA PRO A 183 -20.76 15.28 -13.86
C PRO A 183 -20.81 14.37 -15.07
N SER A 184 -19.69 14.24 -15.80
CA SER A 184 -19.73 13.63 -17.12
C SER A 184 -19.66 12.11 -17.11
N SER A 185 -19.43 11.49 -15.96
CA SER A 185 -19.34 10.04 -15.93
C SER A 185 -20.52 9.43 -15.17
N PRO A 186 -20.93 8.21 -15.50
CA PRO A 186 -21.92 7.52 -14.66
C PRO A 186 -21.47 7.34 -13.23
N TYR A 187 -20.15 7.36 -12.98
CA TYR A 187 -19.60 7.23 -11.65
C TYR A 187 -19.19 8.56 -11.05
N SER A 188 -19.56 9.68 -11.68
CA SER A 188 -19.37 10.98 -11.06
C SER A 188 -20.20 11.06 -9.79
N GLY A 189 -19.88 12.03 -8.94
CA GLY A 189 -20.60 12.18 -7.69
C GLY A 189 -22.09 12.29 -7.90
N VAL A 190 -22.88 11.70 -7.01
CA VAL A 190 -24.33 11.65 -7.21
C VAL A 190 -24.93 13.05 -7.20
N ILE A 191 -24.35 13.96 -6.42
CA ILE A 191 -24.90 15.32 -6.36
C ILE A 191 -24.66 16.03 -7.69
N SER A 192 -23.46 15.88 -8.27
CA SER A 192 -23.21 16.53 -9.56
C SER A 192 -24.12 15.97 -10.66
N ILE A 193 -24.45 14.67 -10.59
CA ILE A 193 -25.30 14.07 -11.61
C ILE A 193 -26.75 14.50 -11.42
N PHE A 194 -27.27 14.35 -10.19
CA PHE A 194 -28.66 14.71 -9.93
C PHE A 194 -28.89 16.21 -10.18
N SER A 195 -27.92 17.05 -9.83
CA SER A 195 -28.08 18.49 -10.01
C SER A 195 -28.09 18.87 -11.48
N GLU A 196 -27.21 18.27 -12.29
CA GLU A 196 -27.21 18.57 -13.71
C GLU A 196 -28.53 18.13 -14.36
N ARG A 197 -29.06 16.96 -13.95
CA ARG A 197 -30.32 16.50 -14.52
C ARG A 197 -31.48 17.40 -14.10
N ALA A 198 -31.48 17.84 -12.83
CA ALA A 198 -32.56 18.70 -12.35
C ALA A 198 -32.55 20.04 -13.05
N LYS A 199 -31.36 20.61 -13.26
CA LYS A 199 -31.27 21.88 -14.01
C LYS A 199 -31.72 21.70 -15.46
N ALA A 200 -31.30 20.61 -16.10
CA ALA A 200 -31.71 20.32 -17.47
C ALA A 200 -33.14 19.77 -17.56
N GLY A 201 -33.81 19.55 -16.44
CA GLY A 201 -35.16 19.01 -16.47
C GLY A 201 -35.23 17.60 -17.03
N ARG A 202 -34.18 16.79 -16.82
CA ARG A 202 -34.14 15.45 -17.36
C ARG A 202 -34.23 14.42 -16.23
N PRO A 203 -34.69 13.21 -16.51
CA PRO A 203 -34.86 12.22 -15.44
C PRO A 203 -33.53 11.78 -14.84
N ILE A 204 -33.57 11.47 -13.55
CA ILE A 204 -32.43 10.90 -12.87
C ILE A 204 -32.67 9.40 -12.72
N THR A 205 -31.60 8.67 -12.45
CA THR A 205 -31.70 7.27 -12.13
C THR A 205 -31.23 7.07 -10.71
N LEU A 206 -32.07 6.43 -9.90
CA LEU A 206 -31.72 6.08 -8.53
C LEU A 206 -31.38 4.60 -8.50
N PHE A 207 -30.17 4.28 -8.05
CA PHE A 207 -29.72 2.89 -7.95
C PHE A 207 -30.02 2.40 -6.54
N GLY A 208 -31.12 1.66 -6.40
CA GLY A 208 -31.58 1.21 -5.10
C GLY A 208 -32.78 1.99 -4.63
N ASP A 209 -33.05 1.89 -3.32
CA ASP A 209 -34.29 2.47 -2.79
C ASP A 209 -34.13 3.92 -2.34
N GLY A 210 -32.95 4.50 -2.47
CA GLY A 210 -32.74 5.86 -2.01
C GLY A 210 -32.54 6.00 -0.51
N GLY A 211 -32.57 4.89 0.24
CA GLY A 211 -32.29 4.98 1.67
C GLY A 211 -30.81 5.09 2.01
N GLN A 212 -29.92 4.89 1.03
CA GLN A 212 -28.50 5.07 1.29
C GLN A 212 -28.20 6.46 1.83
N THR A 213 -27.27 6.54 2.77
CA THR A 213 -26.87 7.81 3.38
C THR A 213 -25.40 8.09 3.10
N ARG A 214 -25.08 9.37 2.96
CA ARG A 214 -23.72 9.80 2.74
C ARG A 214 -23.42 11.03 3.58
N ASP A 215 -22.14 11.22 3.88
CA ASP A 215 -21.63 12.37 4.63
C ASP A 215 -21.08 13.35 3.60
N PHE A 216 -21.94 14.23 3.09
CA PHE A 216 -21.60 15.17 2.01
C PHE A 216 -20.92 16.42 2.56
N VAL A 217 -19.85 16.86 1.90
CA VAL A 217 -19.09 18.02 2.35
C VAL A 217 -19.00 19.01 1.18
N TYR A 218 -19.53 20.22 1.40
CA TYR A 218 -19.41 21.26 0.37
C TYR A 218 -17.96 21.69 0.20
N VAL A 219 -17.58 21.92 -1.05
CA VAL A 219 -16.16 22.08 -1.38
C VAL A 219 -15.55 23.27 -0.64
N ALA A 220 -16.31 24.35 -0.42
CA ALA A 220 -15.75 25.51 0.24
C ALA A 220 -15.33 25.20 1.66
N ASP A 221 -16.04 24.30 2.35
CA ASP A 221 -15.64 23.92 3.71
C ASP A 221 -14.38 23.06 3.69
N LEU A 222 -14.28 22.15 2.72
CA LEU A 222 -13.02 21.40 2.55
C LEU A 222 -11.86 22.35 2.28
N VAL A 223 -12.06 23.35 1.42
CA VAL A 223 -10.97 24.28 1.07
C VAL A 223 -10.45 24.98 2.33
N LYS A 224 -11.36 25.39 3.23
CA LYS A 224 -10.95 25.99 4.49
C LYS A 224 -10.04 25.05 5.28
N ILE A 225 -10.39 23.76 5.30
CA ILE A 225 -9.57 22.78 6.02
C ILE A 225 -8.20 22.66 5.37
N LEU A 226 -8.16 22.65 4.03
CA LEU A 226 -6.87 22.54 3.34
C LEU A 226 -5.96 23.72 3.68
N VAL A 227 -6.51 24.94 3.71
CA VAL A 227 -5.68 26.10 4.01
C VAL A 227 -5.14 26.02 5.43
N GLN A 228 -6.00 25.63 6.38
CA GLN A 228 -5.55 25.45 7.76
C GLN A 228 -4.46 24.40 7.87
N GLY A 229 -4.57 23.31 7.10
CA GLY A 229 -3.49 22.35 7.07
C GLY A 229 -2.16 22.96 6.67
N LEU A 230 -2.19 23.97 5.79
CA LEU A 230 -0.94 24.62 5.36
C LEU A 230 -0.38 25.51 6.46
N GLU A 231 -1.25 26.18 7.20
CA GLU A 231 -0.87 27.25 8.12
C GLU A 231 -0.77 26.81 9.58
N SER A 232 -1.28 25.63 9.94
CA SER A 232 -1.21 25.22 11.34
C SER A 232 0.24 25.04 11.76
N PRO A 233 0.58 25.37 13.01
CA PRO A 233 2.00 25.40 13.41
C PRO A 233 2.62 24.01 13.65
N ALA A 234 1.83 23.03 14.09
CA ALA A 234 2.37 21.70 14.40
C ALA A 234 1.29 20.66 14.19
N PRO A 235 1.05 20.27 12.94
CA PRO A 235 -0.06 19.35 12.65
C PRO A 235 0.23 17.94 13.14
N ALA A 236 -0.85 17.22 13.46
CA ALA A 236 -0.72 15.84 13.92
C ALA A 236 -0.14 14.95 12.82
N ALA A 237 0.45 13.83 13.25
CA ALA A 237 1.15 12.92 12.35
C ALA A 237 0.22 11.95 11.64
N ASP A 238 -0.88 11.56 12.26
CA ASP A 238 -1.77 10.55 11.70
C ASP A 238 -2.92 11.21 10.92
N ALA A 239 -3.75 10.36 10.29
CA ALA A 239 -4.77 10.82 9.37
C ALA A 239 -5.95 11.47 10.09
N THR A 240 -6.65 12.35 9.37
CA THR A 240 -7.89 12.97 9.83
C THR A 240 -8.98 12.78 8.79
N ASN A 241 -10.09 12.17 9.19
CA ASN A 241 -11.27 12.09 8.34
C ASN A 241 -11.82 13.49 8.10
N VAL A 242 -12.10 13.80 6.84
CA VAL A 242 -12.82 15.04 6.54
C VAL A 242 -14.26 14.69 6.17
N GLY A 243 -15.13 14.69 7.17
CA GLY A 243 -16.55 14.64 6.97
C GLY A 243 -17.20 15.52 8.02
N LEU A 244 -18.52 15.68 7.92
CA LEU A 244 -19.23 16.47 8.91
C LEU A 244 -20.00 15.61 9.89
N GLY A 245 -19.92 14.30 9.78
CA GLY A 245 -20.83 13.47 10.57
C GLY A 245 -22.28 13.69 10.20
N GLY A 246 -22.57 14.16 8.98
CA GLY A 246 -23.94 14.35 8.55
C GLY A 246 -24.53 13.09 7.92
N VAL A 247 -25.85 13.03 7.92
CA VAL A 247 -26.60 11.89 7.42
C VAL A 247 -27.64 12.41 6.43
N THR A 248 -27.44 12.15 5.15
CA THR A 248 -28.37 12.57 4.09
C THR A 248 -28.73 11.32 3.30
N THR A 249 -30.02 10.96 3.26
CA THR A 249 -30.42 9.91 2.33
C THR A 249 -30.45 10.47 0.92
N LEU A 250 -30.35 9.56 -0.06
CA LEU A 250 -30.53 9.97 -1.44
C LEU A 250 -31.94 10.47 -1.68
N ASN A 251 -32.93 9.89 -0.99
CA ASN A 251 -34.30 10.38 -1.11
C ASN A 251 -34.43 11.80 -0.54
N ASP A 252 -33.70 12.10 0.54
CA ASP A 252 -33.58 13.48 1.03
C ASP A 252 -33.00 14.37 -0.04
N LEU A 253 -31.88 13.94 -0.64
CA LEU A 253 -31.21 14.73 -1.66
C LEU A 253 -32.13 15.02 -2.84
N ILE A 254 -32.93 14.03 -3.25
CA ILE A 254 -33.88 14.24 -4.36
C ILE A 254 -34.94 15.26 -3.99
N GLY A 255 -35.50 15.15 -2.78
CA GLY A 255 -36.47 16.13 -2.34
C GLY A 255 -35.90 17.53 -2.21
N ALA A 256 -34.65 17.63 -1.74
CA ALA A 256 -34.04 18.95 -1.60
C ALA A 256 -33.82 19.60 -2.96
N LEU A 257 -33.35 18.82 -3.94
CA LEU A 257 -33.14 19.35 -5.28
C LEU A 257 -34.46 19.72 -5.96
N GLN A 258 -35.50 18.89 -5.79
CA GLN A 258 -36.83 19.24 -6.31
C GLN A 258 -37.28 20.59 -5.78
N GLN A 259 -37.06 20.84 -4.48
CA GLN A 259 -37.48 22.11 -3.90
C GLN A 259 -36.64 23.27 -4.43
N ILE A 260 -35.37 23.03 -4.74
CA ILE A 260 -34.51 24.10 -5.24
C ILE A 260 -34.87 24.42 -6.69
N SER A 261 -34.97 23.39 -7.52
CA SER A 261 -35.23 23.58 -8.95
C SER A 261 -36.63 24.08 -9.23
N GLY A 262 -37.56 23.90 -8.31
CA GLY A 262 -38.95 24.27 -8.53
C GLY A 262 -39.74 23.32 -9.39
N LYS A 263 -39.07 22.42 -10.13
CA LYS A 263 -39.75 21.42 -10.94
C LYS A 263 -39.64 20.05 -10.28
N PRO A 264 -40.57 19.15 -10.55
CA PRO A 264 -40.45 17.79 -10.03
C PRO A 264 -39.38 17.01 -10.80
N LEU A 265 -38.77 16.06 -10.11
CA LEU A 265 -37.77 15.19 -10.71
C LEU A 265 -38.38 13.83 -11.00
N GLN A 266 -38.36 13.43 -12.26
CA GLN A 266 -38.72 12.06 -12.60
C GLN A 266 -37.58 11.14 -12.18
N VAL A 267 -37.93 10.03 -11.52
CA VAL A 267 -36.94 9.15 -10.90
C VAL A 267 -37.13 7.75 -11.46
N SER A 268 -36.25 7.34 -12.37
CA SER A 268 -36.19 5.95 -12.80
C SER A 268 -35.58 5.09 -11.71
N HIS A 269 -35.98 3.81 -11.69
CA HIS A 269 -35.53 2.87 -10.68
C HIS A 269 -34.47 1.96 -11.26
N GLY A 270 -33.28 2.00 -10.68
CA GLY A 270 -32.22 1.08 -11.06
C GLY A 270 -31.90 0.13 -9.92
N ALA A 271 -31.24 -0.98 -10.23
CA ALA A 271 -30.81 -1.90 -9.18
C ALA A 271 -29.70 -1.25 -8.34
N THR A 272 -29.53 -1.77 -7.13
CA THR A 272 -28.47 -1.29 -6.24
C THR A 272 -27.10 -1.65 -6.83
N ARG A 273 -26.18 -0.68 -6.82
CA ARG A 273 -24.84 -0.95 -7.34
C ARG A 273 -24.16 -2.03 -6.54
N SER A 274 -23.46 -2.94 -7.24
CA SER A 274 -22.74 -3.98 -6.53
C SER A 274 -21.61 -3.37 -5.71
N GLY A 275 -21.45 -3.85 -4.48
CA GLY A 275 -20.46 -3.30 -3.57
C GLY A 275 -20.83 -1.99 -2.93
N ASP A 276 -21.98 -1.41 -3.28
CA ASP A 276 -22.38 -0.11 -2.75
C ASP A 276 -22.40 -0.15 -1.23
N ILE A 277 -21.90 0.90 -0.59
CA ILE A 277 -22.09 1.04 0.85
C ILE A 277 -23.44 1.68 1.08
N ARG A 278 -24.26 1.08 1.95
CA ARG A 278 -25.56 1.70 2.20
C ARG A 278 -25.43 2.92 3.11
N HIS A 279 -24.73 2.79 4.24
CA HIS A 279 -24.63 3.87 5.24
C HIS A 279 -23.17 4.24 5.48
N SER A 280 -22.80 5.45 5.08
CA SER A 280 -21.44 5.96 5.22
C SER A 280 -21.46 7.30 5.93
N LYS A 281 -20.81 7.36 7.10
CA LYS A 281 -20.75 8.56 7.92
C LYS A 281 -19.38 8.64 8.58
N ALA A 282 -18.72 9.79 8.50
CA ALA A 282 -17.46 9.95 9.22
C ALA A 282 -17.72 10.19 10.70
N ASP A 283 -16.86 9.61 11.53
CA ASP A 283 -16.63 10.10 12.89
C ASP A 283 -15.59 11.20 12.76
N ASN A 284 -16.01 12.46 12.90
CA ASN A 284 -15.12 13.58 12.62
C ASN A 284 -14.57 14.23 13.89
N ARG A 285 -14.48 13.46 14.99
CA ARG A 285 -13.95 14.03 16.23
C ARG A 285 -12.56 14.62 16.03
N ARG A 286 -11.68 13.88 15.33
CA ARG A 286 -10.33 14.39 15.11
C ARG A 286 -10.36 15.68 14.29
N LEU A 287 -11.25 15.75 13.30
CA LEU A 287 -11.40 16.98 12.52
C LEU A 287 -11.82 18.14 13.42
N ARG A 288 -12.82 17.90 14.28
CA ARG A 288 -13.31 18.96 15.15
C ARG A 288 -12.22 19.43 16.10
N GLU A 289 -11.36 18.51 16.52
CA GLU A 289 -10.34 18.87 17.51
C GLU A 289 -9.15 19.56 16.86
N ARG A 290 -8.75 19.11 15.67
CA ARG A 290 -7.53 19.58 15.06
C ARG A 290 -7.74 20.80 14.16
N PHE A 291 -8.98 21.08 13.76
CA PHE A 291 -9.23 22.18 12.84
C PHE A 291 -10.34 23.05 13.38
N ASP A 292 -10.43 24.25 12.81
CA ASP A 292 -11.49 25.21 13.12
C ASP A 292 -12.57 25.02 12.07
N LEU A 293 -13.63 24.29 12.41
CA LEU A 293 -14.70 24.00 11.46
C LEU A 293 -15.71 25.12 11.31
N GLY A 294 -15.82 26.01 12.30
CA GLY A 294 -16.84 27.06 12.24
C GLY A 294 -18.22 26.45 12.11
N THR A 295 -19.04 27.05 11.24
CA THR A 295 -20.35 26.51 10.91
C THR A 295 -20.36 26.04 9.47
N PRO A 296 -20.19 24.75 9.20
CA PRO A 296 -20.17 24.28 7.81
C PRO A 296 -21.48 24.59 7.11
N SER A 297 -21.40 24.65 5.78
CA SER A 297 -22.62 24.78 4.98
C SER A 297 -23.48 23.56 5.18
N SER A 298 -24.78 23.78 5.38
CA SER A 298 -25.73 22.68 5.32
C SER A 298 -25.80 22.14 3.89
N LEU A 299 -26.40 20.96 3.75
CA LEU A 299 -26.59 20.39 2.43
C LEU A 299 -27.45 21.31 1.55
N ALA A 300 -28.53 21.84 2.11
CA ALA A 300 -29.41 22.71 1.33
C ALA A 300 -28.67 23.96 0.87
N GLU A 301 -27.79 24.50 1.72
CA GLU A 301 -26.98 25.65 1.34
C GLU A 301 -26.03 25.31 0.21
N GLY A 302 -25.26 24.22 0.37
CA GLY A 302 -24.35 23.80 -0.68
C GLY A 302 -25.07 23.44 -1.97
N LEU A 303 -26.26 22.83 -1.86
CA LEU A 303 -27.01 22.47 -3.06
C LEU A 303 -27.46 23.72 -3.81
N GLU A 304 -27.93 24.73 -3.08
CA GLU A 304 -28.37 25.95 -3.73
C GLU A 304 -27.21 26.67 -4.39
N ARG A 305 -26.04 26.70 -3.75
CA ARG A 305 -24.90 27.36 -4.38
C ARG A 305 -24.45 26.61 -5.63
N LEU A 306 -24.43 25.28 -5.58
CA LEU A 306 -24.13 24.52 -6.78
C LEU A 306 -25.17 24.76 -7.86
N TYR A 307 -26.46 24.63 -7.51
CA TYR A 307 -27.51 24.73 -8.52
C TYR A 307 -27.51 26.12 -9.16
N ARG A 308 -27.26 27.16 -8.38
CA ARG A 308 -27.26 28.51 -8.91
C ARG A 308 -26.13 28.77 -9.88
N SER A 309 -25.08 27.95 -9.86
CA SER A 309 -23.93 28.13 -10.72
C SER A 309 -24.03 27.33 -12.03
N LEU A 310 -25.10 26.60 -12.24
CA LEU A 310 -25.26 25.77 -13.42
C LEU A 310 -25.91 26.53 -14.58
N ALA B 3 4.09 -32.92 -17.47
CA ALA B 3 4.48 -32.44 -16.14
C ALA B 3 4.17 -30.96 -15.99
N GLU B 4 3.60 -30.59 -14.86
CA GLU B 4 3.28 -29.19 -14.61
C GLU B 4 4.56 -28.39 -14.39
N ARG B 5 4.50 -27.11 -14.76
CA ARG B 5 5.65 -26.22 -14.63
C ARG B 5 5.31 -25.10 -13.66
N ILE B 6 6.25 -24.81 -12.76
CA ILE B 6 6.08 -23.76 -11.76
C ILE B 6 7.06 -22.63 -12.07
N LEU B 7 6.53 -21.43 -12.27
CA LEU B 7 7.36 -20.24 -12.32
C LEU B 7 7.68 -19.81 -10.89
N VAL B 8 8.97 -19.60 -10.60
CA VAL B 8 9.40 -19.16 -9.27
C VAL B 8 10.23 -17.89 -9.47
N THR B 9 9.65 -16.73 -9.19
CA THR B 9 10.43 -15.50 -9.21
C THR B 9 11.31 -15.47 -7.97
N GLY B 10 12.53 -14.97 -8.13
CA GLY B 10 13.47 -15.00 -7.02
C GLY B 10 13.95 -16.38 -6.67
N GLY B 11 13.79 -17.33 -7.59
CA GLY B 11 14.14 -18.73 -7.37
C GLY B 11 15.62 -19.01 -7.20
N ALA B 12 16.50 -18.05 -7.51
CA ALA B 12 17.94 -18.28 -7.30
C ALA B 12 18.41 -17.87 -5.92
N GLY B 13 17.50 -17.38 -5.06
CA GLY B 13 17.87 -16.90 -3.74
C GLY B 13 17.77 -17.97 -2.68
N PHE B 14 17.78 -17.49 -1.41
CA PHE B 14 17.85 -18.38 -0.26
C PHE B 14 16.64 -19.29 -0.19
N ILE B 15 15.44 -18.71 -0.02
CA ILE B 15 14.23 -19.52 0.08
C ILE B 15 13.90 -20.15 -1.28
N GLY B 16 14.04 -19.38 -2.35
CA GLY B 16 13.65 -19.86 -3.67
C GLY B 16 14.40 -21.11 -4.11
N SER B 17 15.72 -21.14 -3.92
CA SER B 17 16.48 -22.27 -4.46
C SER B 17 16.16 -23.56 -3.70
N HIS B 18 15.86 -23.46 -2.40
CA HIS B 18 15.38 -24.64 -1.67
C HIS B 18 14.01 -25.08 -2.19
N LEU B 19 13.12 -24.13 -2.48
CA LEU B 19 11.85 -24.48 -3.09
C LEU B 19 12.07 -25.17 -4.44
N VAL B 20 13.01 -24.65 -5.24
CA VAL B 20 13.28 -25.23 -6.55
C VAL B 20 13.74 -26.67 -6.41
N ASP B 21 14.66 -26.93 -5.49
CA ASP B 21 15.09 -28.31 -5.21
C ASP B 21 13.90 -29.20 -4.89
N ALA B 22 12.97 -28.71 -4.07
CA ALA B 22 11.86 -29.55 -3.63
C ALA B 22 10.84 -29.76 -4.74
N LEU B 23 10.57 -28.73 -5.55
CA LEU B 23 9.62 -28.91 -6.64
C LEU B 23 10.13 -29.93 -7.64
N LEU B 24 11.42 -29.86 -7.99
CA LEU B 24 11.98 -30.80 -8.97
C LEU B 24 11.89 -32.23 -8.46
N ALA B 25 12.16 -32.45 -7.17
CA ALA B 25 12.13 -33.81 -6.63
C ALA B 25 10.72 -34.39 -6.66
N LYS B 26 9.70 -33.55 -6.56
CA LYS B 26 8.31 -33.98 -6.65
C LYS B 26 7.86 -34.22 -8.09
N GLY B 27 8.71 -33.94 -9.07
CA GLY B 27 8.38 -34.17 -10.46
C GLY B 27 7.95 -32.95 -11.24
N TYR B 28 7.91 -31.77 -10.62
CA TYR B 28 7.55 -30.57 -11.35
C TYR B 28 8.68 -30.12 -12.27
N ALA B 29 8.31 -29.45 -13.35
CA ALA B 29 9.24 -28.61 -14.08
C ALA B 29 9.23 -27.22 -13.43
N VAL B 30 10.40 -26.58 -13.43
CA VAL B 30 10.56 -25.30 -12.73
C VAL B 30 11.23 -24.31 -13.68
N ARG B 31 10.70 -23.09 -13.72
CA ARG B 31 11.32 -21.99 -14.45
C ARG B 31 11.64 -20.89 -13.45
N VAL B 32 12.91 -20.55 -13.31
CA VAL B 32 13.35 -19.54 -12.36
C VAL B 32 13.47 -18.21 -13.10
N LEU B 33 12.91 -17.15 -12.53
CA LEU B 33 13.14 -15.79 -12.98
C LEU B 33 13.87 -15.05 -11.86
N ASP B 34 15.10 -14.60 -12.13
CA ASP B 34 15.90 -14.00 -11.08
C ASP B 34 16.89 -13.02 -11.70
N ASP B 35 17.11 -11.87 -11.06
CA ASP B 35 18.06 -10.91 -11.62
C ASP B 35 19.46 -11.12 -11.06
N LEU B 36 19.64 -12.14 -10.22
CA LEU B 36 20.94 -12.45 -9.62
C LEU B 36 21.50 -11.26 -8.84
N SER B 37 20.63 -10.43 -8.26
CA SER B 37 21.14 -9.34 -7.43
C SER B 37 21.72 -9.89 -6.13
N THR B 38 20.94 -10.72 -5.41
CA THR B 38 21.47 -11.53 -4.33
C THR B 38 21.37 -13.03 -4.61
N GLY B 39 20.52 -13.43 -5.56
CA GLY B 39 20.46 -14.83 -5.95
C GLY B 39 21.74 -15.29 -6.65
N LYS B 40 21.92 -16.60 -6.72
CA LYS B 40 23.15 -17.17 -7.25
C LYS B 40 22.84 -18.39 -8.10
N VAL B 41 23.47 -18.46 -9.29
CA VAL B 41 23.30 -19.64 -10.13
C VAL B 41 23.80 -20.89 -9.41
N GLY B 42 24.86 -20.74 -8.61
CA GLY B 42 25.38 -21.86 -7.84
C GLY B 42 24.42 -22.44 -6.82
N ASN B 43 23.34 -21.71 -6.49
CA ASN B 43 22.29 -22.23 -5.62
C ASN B 43 21.35 -23.20 -6.33
N LEU B 44 21.34 -23.21 -7.68
CA LEU B 44 20.40 -23.99 -8.47
C LEU B 44 21.03 -25.29 -8.98
N PRO B 45 20.22 -26.34 -9.15
CA PRO B 45 20.71 -27.60 -9.75
C PRO B 45 20.65 -27.53 -11.27
N MET B 46 21.59 -26.78 -11.85
CA MET B 46 21.56 -26.49 -13.28
C MET B 46 21.57 -27.75 -14.15
N GLY B 47 22.04 -28.88 -13.63
CA GLY B 47 21.98 -30.10 -14.40
C GLY B 47 20.63 -30.79 -14.47
N ASP B 48 19.61 -30.25 -13.80
CA ASP B 48 18.31 -30.90 -13.79
C ASP B 48 17.56 -30.55 -15.07
N ALA B 49 17.20 -31.58 -15.85
CA ALA B 49 16.57 -31.35 -17.14
C ALA B 49 15.26 -30.59 -16.99
N GLY B 50 14.58 -30.72 -15.85
CA GLY B 50 13.35 -30.03 -15.53
C GLY B 50 13.48 -28.57 -15.11
N LEU B 51 14.69 -28.01 -15.10
CA LEU B 51 14.91 -26.64 -14.66
C LEU B 51 15.22 -25.75 -15.86
N GLU B 52 14.58 -24.57 -15.90
CA GLU B 52 14.93 -23.50 -16.83
C GLU B 52 15.27 -22.26 -16.03
N LEU B 53 16.19 -21.44 -16.55
CA LEU B 53 16.63 -20.24 -15.87
C LEU B 53 16.56 -19.04 -16.80
N LEU B 54 15.80 -18.01 -16.38
CA LEU B 54 15.75 -16.71 -17.05
C LEU B 54 16.35 -15.67 -16.12
N VAL B 55 17.39 -14.97 -16.59
CA VAL B 55 18.03 -13.92 -15.80
C VAL B 55 17.48 -12.58 -16.28
N GLY B 56 16.85 -11.85 -15.37
CA GLY B 56 16.22 -10.61 -15.74
C GLY B 56 15.46 -10.02 -14.57
N ASP B 57 14.84 -8.88 -14.84
CA ASP B 57 14.08 -8.12 -13.83
C ASP B 57 12.64 -8.61 -13.79
N ALA B 58 12.17 -8.95 -12.58
CA ALA B 58 10.79 -9.39 -12.38
C ALA B 58 9.76 -8.27 -12.54
N ALA B 59 10.18 -7.01 -12.59
CA ALA B 59 9.31 -5.90 -12.91
C ALA B 59 9.22 -5.62 -14.41
N ASP B 60 9.84 -6.46 -15.25
CA ASP B 60 9.89 -6.26 -16.70
C ASP B 60 8.70 -6.98 -17.31
N ALA B 61 7.74 -6.21 -17.85
CA ALA B 61 6.50 -6.79 -18.37
C ALA B 61 6.74 -7.70 -19.56
N ALA B 62 7.64 -7.33 -20.48
CA ALA B 62 7.95 -8.20 -21.61
C ALA B 62 8.56 -9.52 -21.15
N LEU B 63 9.47 -9.48 -20.18
CA LEU B 63 10.05 -10.72 -19.67
C LEU B 63 8.98 -11.60 -19.04
N LEU B 64 8.10 -10.99 -18.23
CA LEU B 64 7.03 -11.76 -17.59
C LEU B 64 6.07 -12.38 -18.60
N ALA B 65 5.81 -11.67 -19.72
CA ALA B 65 4.96 -12.22 -20.77
C ALA B 65 5.58 -13.46 -21.37
N ASP B 66 6.91 -13.49 -21.48
CA ASP B 66 7.57 -14.71 -21.93
C ASP B 66 7.58 -15.75 -20.82
N ALA B 67 7.88 -15.33 -19.59
CA ALA B 67 8.15 -16.30 -18.53
C ALA B 67 6.92 -17.09 -18.13
N VAL B 68 5.72 -16.50 -18.21
CA VAL B 68 4.52 -17.22 -17.77
C VAL B 68 4.01 -18.23 -18.80
N GLN B 69 4.46 -18.14 -20.05
CA GLN B 69 3.95 -19.02 -21.10
C GLN B 69 4.33 -20.46 -20.82
N GLY B 70 3.32 -21.34 -20.79
CA GLY B 70 3.57 -22.73 -20.45
C GLY B 70 3.69 -23.05 -18.98
N CYS B 71 3.42 -22.09 -18.08
CA CYS B 71 3.49 -22.32 -16.64
C CYS B 71 2.09 -22.53 -16.07
N ASP B 72 1.99 -23.40 -15.07
CA ASP B 72 0.69 -23.73 -14.49
C ASP B 72 0.41 -23.03 -13.18
N ALA B 73 1.43 -22.48 -12.52
CA ALA B 73 1.27 -21.78 -11.25
C ALA B 73 2.56 -21.01 -10.99
N VAL B 74 2.52 -20.11 -9.99
CA VAL B 74 3.64 -19.22 -9.69
C VAL B 74 3.89 -19.19 -8.19
N VAL B 75 5.15 -19.03 -7.82
CA VAL B 75 5.54 -18.62 -6.47
C VAL B 75 6.35 -17.35 -6.60
N HIS B 76 5.89 -16.27 -5.98
CA HIS B 76 6.46 -14.94 -6.19
C HIS B 76 7.33 -14.60 -4.98
N LEU B 77 8.63 -14.87 -5.11
CA LEU B 77 9.59 -14.63 -4.06
C LEU B 77 10.54 -13.48 -4.36
N ALA B 78 10.55 -12.98 -5.60
CA ALA B 78 11.48 -11.92 -5.96
C ALA B 78 11.16 -10.65 -5.17
N ALA B 79 12.19 -10.04 -4.59
CA ALA B 79 12.09 -8.78 -3.88
C ALA B 79 13.48 -8.43 -3.41
N VAL B 80 13.71 -7.17 -3.08
CA VAL B 80 14.93 -6.81 -2.37
C VAL B 80 14.66 -7.12 -0.90
N ALA B 81 15.31 -8.16 -0.37
CA ALA B 81 14.95 -8.67 0.95
C ALA B 81 15.40 -7.74 2.08
N SER B 82 16.47 -6.98 1.86
CA SER B 82 17.00 -6.08 2.88
C SER B 82 16.08 -4.88 3.07
N VAL B 83 15.44 -4.80 4.25
CA VAL B 83 14.62 -3.64 4.60
C VAL B 83 15.44 -2.36 4.53
N GLN B 84 16.67 -2.40 5.02
CA GLN B 84 17.52 -1.22 5.05
C GLN B 84 17.80 -0.68 3.65
N ALA B 85 17.91 -1.56 2.64
CA ALA B 85 18.06 -1.09 1.27
C ALA B 85 16.85 -0.29 0.79
N SER B 86 15.65 -0.64 1.26
CA SER B 86 14.48 0.16 0.87
C SER B 86 14.46 1.51 1.58
N VAL B 87 15.05 1.59 2.78
CA VAL B 87 15.13 2.87 3.47
C VAL B 87 16.07 3.81 2.74
N GLU B 88 17.14 3.26 2.17
CA GLU B 88 18.12 4.08 1.46
C GLU B 88 17.64 4.47 0.08
N ASP B 89 16.87 3.62 -0.60
CA ASP B 89 16.45 3.91 -1.98
C ASP B 89 15.03 3.42 -2.19
N PRO B 90 14.04 4.15 -1.67
CA PRO B 90 12.63 3.75 -1.84
C PRO B 90 12.19 3.66 -3.28
N VAL B 91 12.72 4.50 -4.17
CA VAL B 91 12.26 4.52 -5.56
C VAL B 91 12.67 3.24 -6.27
N ALA B 92 13.96 2.88 -6.20
CA ALA B 92 14.44 1.68 -6.86
C ALA B 92 13.81 0.43 -6.27
N THR B 93 13.76 0.33 -4.94
CA THR B 93 13.24 -0.91 -4.35
C THR B 93 11.75 -1.05 -4.56
N HIS B 94 11.02 0.06 -4.71
CA HIS B 94 9.59 -0.03 -5.00
C HIS B 94 9.31 -0.80 -6.29
N GLN B 95 10.20 -0.66 -7.29
CA GLN B 95 10.12 -1.46 -8.50
C GLN B 95 10.16 -2.94 -8.19
N SER B 96 11.15 -3.37 -7.38
CA SER B 96 11.30 -4.78 -7.08
C SER B 96 10.27 -5.27 -6.06
N ASN B 97 9.91 -4.43 -5.09
CA ASN B 97 9.08 -4.88 -3.97
C ASN B 97 7.58 -4.72 -4.21
N PHE B 98 7.18 -3.93 -5.21
CA PHE B 98 5.76 -3.82 -5.51
C PHE B 98 5.45 -3.94 -7.00
N ILE B 99 6.17 -3.20 -7.86
CA ILE B 99 5.84 -3.21 -9.29
C ILE B 99 5.92 -4.62 -9.84
N ALA B 100 6.92 -5.39 -9.41
CA ALA B 100 7.03 -6.79 -9.83
C ALA B 100 5.76 -7.57 -9.53
N THR B 101 5.16 -7.34 -8.35
CA THR B 101 3.90 -8.01 -8.02
C THR B 101 2.80 -7.57 -8.97
N LEU B 102 2.68 -6.25 -9.19
CA LEU B 102 1.65 -5.74 -10.09
C LEU B 102 1.81 -6.31 -11.51
N ARG B 103 3.04 -6.30 -12.03
CA ARG B 103 3.27 -6.77 -13.39
C ARG B 103 3.01 -8.27 -13.51
N LEU B 104 3.36 -9.04 -12.48
CA LEU B 104 3.04 -10.47 -12.46
C LEU B 104 1.52 -10.71 -12.48
N CYS B 105 0.77 -9.94 -11.69
CA CYS B 105 -0.69 -10.06 -11.73
C CYS B 105 -1.23 -9.81 -13.13
N GLU B 106 -0.72 -8.78 -13.80
CA GLU B 106 -1.14 -8.51 -15.17
C GLU B 106 -0.82 -9.70 -16.08
N ALA B 107 0.38 -10.27 -15.94
CA ALA B 107 0.81 -11.34 -16.84
C ALA B 107 0.04 -12.63 -16.57
N MET B 108 -0.21 -12.93 -15.30
CA MET B 108 -0.95 -14.14 -14.95
C MET B 108 -2.39 -14.08 -15.44
N THR B 109 -3.03 -12.92 -15.31
CA THR B 109 -4.42 -12.77 -15.77
C THR B 109 -4.51 -12.92 -17.29
N ALA B 110 -3.60 -12.31 -18.03
CA ALA B 110 -3.59 -12.49 -19.47
C ALA B 110 -3.36 -13.96 -19.84
N ALA B 111 -2.44 -14.64 -19.16
CA ALA B 111 -2.15 -16.03 -19.47
C ALA B 111 -3.17 -17.02 -18.93
N GLY B 112 -4.08 -16.59 -18.06
CA GLY B 112 -5.05 -17.51 -17.49
C GLY B 112 -4.56 -18.33 -16.32
N ILE B 113 -3.43 -17.97 -15.72
CA ILE B 113 -2.87 -18.71 -14.60
C ILE B 113 -3.41 -18.13 -13.31
N ARG B 114 -3.96 -18.99 -12.44
CA ARG B 114 -4.64 -18.49 -11.25
C ARG B 114 -3.79 -18.54 -9.99
N ARG B 115 -3.05 -19.61 -9.73
CA ARG B 115 -2.44 -19.83 -8.42
C ARG B 115 -1.09 -19.11 -8.32
N VAL B 116 -0.96 -18.23 -7.32
CA VAL B 116 0.29 -17.55 -7.02
C VAL B 116 0.49 -17.56 -5.51
N VAL B 117 1.58 -18.15 -5.05
CA VAL B 117 1.98 -18.10 -3.64
C VAL B 117 2.90 -16.90 -3.44
N PHE B 118 2.58 -16.04 -2.48
CA PHE B 118 3.29 -14.78 -2.32
C PHE B 118 4.01 -14.71 -0.98
N ALA B 119 5.29 -14.35 -1.02
CA ALA B 119 6.11 -14.08 0.17
C ALA B 119 5.80 -12.68 0.69
N SER B 120 4.82 -12.57 1.59
CA SER B 120 4.66 -11.33 2.34
C SER B 120 5.53 -11.41 3.61
N ALA B 121 5.32 -10.49 4.56
CA ALA B 121 6.29 -10.34 5.65
C ALA B 121 5.61 -9.85 6.92
N ALA B 122 6.13 -10.33 8.07
CA ALA B 122 5.67 -9.84 9.37
C ALA B 122 5.90 -8.35 9.53
N ALA B 123 6.79 -7.76 8.71
CA ALA B 123 7.02 -6.33 8.77
C ALA B 123 5.75 -5.50 8.51
N VAL B 124 4.70 -6.09 7.94
CA VAL B 124 3.50 -5.27 7.69
C VAL B 124 2.81 -4.87 9.00
N TYR B 125 3.03 -5.63 10.08
CA TYR B 125 2.48 -5.27 11.38
C TYR B 125 3.22 -4.10 12.03
N GLY B 126 4.43 -3.80 11.60
CA GLY B 126 5.22 -2.82 12.33
C GLY B 126 5.36 -3.21 13.80
N ASN B 127 5.14 -2.24 14.69
CA ASN B 127 5.19 -2.46 16.12
C ASN B 127 3.86 -2.90 16.72
N ASN B 128 2.80 -3.03 15.94
CA ASN B 128 1.50 -3.39 16.50
C ASN B 128 1.52 -4.83 16.96
N GLY B 129 1.02 -5.07 18.17
CA GLY B 129 0.97 -6.41 18.72
C GLY B 129 2.26 -6.89 19.35
N GLU B 130 3.29 -6.04 19.42
CA GLU B 130 4.58 -6.47 19.96
C GLU B 130 4.43 -7.04 21.37
N GLY B 131 5.10 -8.16 21.62
CA GLY B 131 5.01 -8.82 22.91
C GLY B 131 3.83 -9.75 23.07
N THR B 132 3.02 -9.93 22.03
CA THR B 132 1.86 -10.81 22.02
C THR B 132 1.94 -11.65 20.77
N PRO B 133 1.30 -12.82 20.74
CA PRO B 133 1.18 -13.56 19.48
C PRO B 133 0.36 -12.74 18.49
N ILE B 134 0.98 -12.40 17.36
CA ILE B 134 0.38 -11.47 16.41
C ILE B 134 -0.60 -12.22 15.51
N ALA B 135 -1.89 -11.95 15.67
CA ALA B 135 -2.89 -12.53 14.77
C ALA B 135 -2.93 -11.75 13.45
N GLU B 136 -3.40 -12.43 12.40
CA GLU B 136 -3.36 -11.83 11.06
C GLU B 136 -4.19 -10.55 10.96
N ASP B 137 -5.25 -10.40 11.77
CA ASP B 137 -6.07 -9.20 11.69
C ASP B 137 -5.57 -8.09 12.62
N THR B 138 -4.38 -8.22 13.16
CA THR B 138 -3.72 -7.13 13.85
C THR B 138 -3.62 -5.92 12.94
N PRO B 139 -3.94 -4.72 13.42
CA PRO B 139 -3.83 -3.51 12.59
C PRO B 139 -2.44 -3.40 11.97
N LYS B 140 -2.40 -2.98 10.71
CA LYS B 140 -1.14 -2.92 10.00
C LYS B 140 -0.42 -1.61 10.28
N SER B 141 0.91 -1.66 10.26
CA SER B 141 1.68 -0.43 10.46
C SER B 141 3.03 -0.52 9.79
N PRO B 142 3.08 -0.62 8.46
CA PRO B 142 4.38 -0.73 7.78
C PRO B 142 5.20 0.54 7.97
N LEU B 143 6.44 0.36 8.43
CA LEU B 143 7.30 1.48 8.81
C LEU B 143 8.35 1.82 7.76
N THR B 144 8.50 1.03 6.72
CA THR B 144 9.53 1.21 5.70
C THR B 144 8.90 1.02 4.33
N PRO B 145 9.57 1.48 3.27
CA PRO B 145 9.04 1.22 1.92
C PRO B 145 8.88 -0.27 1.62
N PHE B 146 9.84 -1.10 2.04
CA PHE B 146 9.71 -2.56 1.93
C PHE B 146 8.40 -3.03 2.54
N ALA B 147 8.13 -2.64 3.79
CA ALA B 147 6.96 -3.17 4.47
C ALA B 147 5.68 -2.67 3.81
N ALA B 148 5.64 -1.39 3.43
CA ALA B 148 4.47 -0.85 2.74
C ALA B 148 4.29 -1.49 1.37
N ASP B 149 5.40 -1.88 0.72
CA ASP B 149 5.29 -2.51 -0.60
C ASP B 149 4.79 -3.94 -0.49
N LYS B 150 5.19 -4.67 0.56
CA LYS B 150 4.64 -6.00 0.78
C LYS B 150 3.14 -5.94 1.05
N LEU B 151 2.72 -4.97 1.87
CA LEU B 151 1.30 -4.81 2.17
C LEU B 151 0.52 -4.39 0.92
N ALA B 152 1.03 -3.39 0.19
CA ALA B 152 0.41 -3.00 -1.07
C ALA B 152 0.29 -4.19 -2.02
N SER B 153 1.33 -5.03 -2.07
CA SER B 153 1.28 -6.24 -2.88
C SER B 153 0.11 -7.13 -2.47
N GLU B 154 -0.12 -7.28 -1.15
CA GLU B 154 -1.27 -8.06 -0.69
C GLU B 154 -2.58 -7.46 -1.18
N TYR B 155 -2.71 -6.14 -1.08
CA TYR B 155 -3.94 -5.47 -1.48
C TYR B 155 -4.23 -5.67 -2.97
N TYR B 156 -3.20 -5.53 -3.80
CA TYR B 156 -3.37 -5.74 -5.23
C TYR B 156 -3.68 -7.19 -5.56
N LEU B 157 -3.02 -8.13 -4.87
CA LEU B 157 -3.32 -9.54 -5.10
C LEU B 157 -4.79 -9.84 -4.80
N ASP B 158 -5.32 -9.24 -3.74
CA ASP B 158 -6.71 -9.45 -3.38
C ASP B 158 -7.62 -8.80 -4.41
N PHE B 159 -7.22 -7.66 -4.97
CA PHE B 159 -8.00 -7.04 -6.03
C PHE B 159 -8.07 -7.95 -7.25
N TYR B 160 -6.94 -8.50 -7.68
CA TYR B 160 -6.97 -9.42 -8.82
C TYR B 160 -7.72 -10.71 -8.48
N ARG B 161 -7.76 -11.12 -7.20
CA ARG B 161 -8.60 -12.26 -6.85
C ARG B 161 -10.06 -11.95 -7.14
N ARG B 162 -10.56 -10.81 -6.64
CA ARG B 162 -11.98 -10.52 -6.76
C ARG B 162 -12.35 -10.07 -8.15
N GLN B 163 -11.47 -9.31 -8.81
CA GLN B 163 -11.82 -8.77 -10.13
C GLN B 163 -11.53 -9.74 -11.26
N HIS B 164 -10.50 -10.60 -11.13
CA HIS B 164 -10.04 -11.38 -12.27
C HIS B 164 -9.87 -12.87 -11.98
N GLY B 165 -10.25 -13.35 -10.79
CA GLY B 165 -10.22 -14.76 -10.51
C GLY B 165 -8.87 -15.34 -10.13
N LEU B 166 -7.87 -14.50 -9.88
CA LEU B 166 -6.60 -14.96 -9.34
C LEU B 166 -6.84 -15.70 -8.02
N GLU B 167 -5.93 -16.64 -7.70
CA GLU B 167 -6.00 -17.43 -6.48
C GLU B 167 -4.71 -17.21 -5.68
N PRO B 168 -4.60 -16.10 -4.97
CA PRO B 168 -3.37 -15.82 -4.23
C PRO B 168 -3.31 -16.59 -2.92
N VAL B 169 -2.11 -17.04 -2.57
CA VAL B 169 -1.83 -17.64 -1.27
C VAL B 169 -0.85 -16.72 -0.58
N ILE B 170 -1.35 -15.87 0.30
CA ILE B 170 -0.56 -14.81 0.91
C ILE B 170 0.04 -15.32 2.22
N LEU B 171 1.36 -15.37 2.29
CA LEU B 171 2.07 -15.89 3.45
C LEU B 171 2.94 -14.80 4.02
N ARG B 172 2.77 -14.51 5.32
CA ARG B 172 3.57 -13.48 5.99
C ARG B 172 4.69 -14.19 6.75
N PHE B 173 5.87 -14.26 6.14
CA PHE B 173 7.00 -14.95 6.76
C PHE B 173 7.45 -14.20 8.00
N PHE B 174 7.72 -14.94 9.08
CA PHE B 174 8.43 -14.31 10.19
C PHE B 174 9.93 -14.42 9.93
N ASN B 175 10.75 -15.03 10.79
CA ASN B 175 12.21 -14.99 10.55
C ASN B 175 12.70 -16.34 10.05
N ILE B 176 13.03 -16.41 8.75
CA ILE B 176 13.46 -17.65 8.11
C ILE B 176 14.98 -17.75 8.17
N PHE B 177 15.50 -18.97 8.40
CA PHE B 177 16.94 -19.16 8.46
C PHE B 177 17.30 -20.52 7.89
N GLY B 178 18.59 -20.71 7.58
CA GLY B 178 19.07 -21.98 7.10
C GLY B 178 20.16 -21.86 6.06
N PRO B 179 20.57 -23.00 5.50
CA PRO B 179 21.63 -22.99 4.50
C PRO B 179 21.24 -22.13 3.31
N ARG B 180 22.22 -21.40 2.78
CA ARG B 180 22.16 -20.51 1.61
C ARG B 180 21.64 -19.11 1.95
N GLN B 181 21.21 -18.84 3.19
CA GLN B 181 20.89 -17.45 3.52
C GLN B 181 22.18 -16.64 3.49
N ASP B 182 22.19 -15.56 2.72
CA ASP B 182 23.43 -14.85 2.45
C ASP B 182 23.85 -14.02 3.66
N PRO B 183 25.02 -14.24 4.23
CA PRO B 183 25.44 -13.48 5.43
C PRO B 183 26.32 -12.27 5.14
N SER B 184 26.49 -11.88 3.88
CA SER B 184 27.49 -10.89 3.51
C SER B 184 27.11 -9.47 3.89
N SER B 185 25.87 -9.22 4.33
CA SER B 185 25.52 -7.86 4.70
C SER B 185 25.48 -7.70 6.21
N PRO B 186 25.79 -6.51 6.72
CA PRO B 186 25.51 -6.24 8.14
C PRO B 186 24.03 -6.36 8.48
N TYR B 187 23.15 -6.34 7.48
CA TYR B 187 21.71 -6.48 7.69
C TYR B 187 21.18 -7.83 7.22
N SER B 188 22.06 -8.78 6.91
CA SER B 188 21.65 -10.16 6.69
C SER B 188 20.98 -10.70 7.96
N GLY B 189 20.25 -11.80 7.80
CA GLY B 189 19.61 -12.42 8.95
C GLY B 189 20.63 -12.77 10.02
N VAL B 190 20.23 -12.58 11.29
CA VAL B 190 21.20 -12.69 12.39
C VAL B 190 21.79 -14.09 12.49
N ILE B 191 21.00 -15.11 12.16
CA ILE B 191 21.49 -16.48 12.28
C ILE B 191 22.55 -16.76 11.21
N SER B 192 22.36 -16.24 9.99
CA SER B 192 23.39 -16.40 8.96
C SER B 192 24.67 -15.67 9.36
N ILE B 193 24.56 -14.46 9.92
CA ILE B 193 25.75 -13.75 10.38
C ILE B 193 26.42 -14.49 11.52
N PHE B 194 25.67 -14.80 12.58
CA PHE B 194 26.25 -15.48 13.74
C PHE B 194 26.88 -16.81 13.33
N SER B 195 26.18 -17.60 12.52
CA SER B 195 26.72 -18.88 12.10
C SER B 195 28.00 -18.72 11.30
N GLU B 196 28.05 -17.71 10.42
CA GLU B 196 29.27 -17.52 9.62
C GLU B 196 30.46 -17.18 10.50
N ARG B 197 30.23 -16.31 11.49
CA ARG B 197 31.32 -15.94 12.39
C ARG B 197 31.75 -17.13 13.24
N ALA B 198 30.79 -17.88 13.80
CA ALA B 198 31.15 -19.02 14.65
C ALA B 198 31.98 -20.04 13.85
N LYS B 199 31.55 -20.36 12.63
CA LYS B 199 32.31 -21.29 11.79
C LYS B 199 33.74 -20.79 11.58
N ALA B 200 33.92 -19.49 11.39
CA ALA B 200 35.24 -18.92 11.17
C ALA B 200 36.02 -18.68 12.47
N GLY B 201 35.41 -18.89 13.63
CA GLY B 201 36.15 -18.66 14.86
C GLY B 201 36.31 -17.20 15.23
N ARG B 202 35.52 -16.31 14.66
CA ARG B 202 35.61 -14.86 14.84
C ARG B 202 34.47 -14.35 15.69
N PRO B 203 34.65 -13.19 16.35
CA PRO B 203 33.60 -12.66 17.25
C PRO B 203 32.33 -12.31 16.50
N ILE B 204 31.21 -12.45 17.19
CA ILE B 204 29.94 -11.91 16.73
C ILE B 204 29.70 -10.60 17.46
N THR B 205 28.77 -9.80 16.94
CA THR B 205 28.34 -8.58 17.60
C THR B 205 26.86 -8.67 17.94
N LEU B 206 26.53 -8.45 19.21
CA LEU B 206 25.16 -8.48 19.70
C LEU B 206 24.68 -7.04 19.88
N PHE B 207 23.61 -6.68 19.19
CA PHE B 207 23.03 -5.34 19.31
C PHE B 207 21.97 -5.36 20.40
N GLY B 208 22.24 -4.66 21.50
CA GLY B 208 21.29 -4.62 22.61
C GLY B 208 21.64 -5.66 23.67
N ASP B 209 20.66 -5.94 24.54
CA ASP B 209 20.92 -6.82 25.67
C ASP B 209 20.74 -8.30 25.33
N GLY B 210 20.27 -8.65 24.13
CA GLY B 210 20.07 -10.04 23.81
C GLY B 210 18.72 -10.61 24.22
N GLY B 211 17.91 -9.85 24.97
CA GLY B 211 16.57 -10.28 25.32
C GLY B 211 15.54 -10.21 24.20
N GLN B 212 15.90 -9.68 23.02
CA GLN B 212 14.96 -9.63 21.91
C GLN B 212 14.57 -11.03 21.48
N THR B 213 13.32 -11.21 21.08
CA THR B 213 12.82 -12.52 20.73
C THR B 213 12.32 -12.52 19.30
N ARG B 214 12.52 -13.66 18.65
CA ARG B 214 12.07 -13.87 17.29
C ARG B 214 11.44 -15.25 17.19
N ASP B 215 10.54 -15.38 16.23
CA ASP B 215 9.86 -16.64 15.91
C ASP B 215 10.57 -17.19 14.67
N PHE B 216 11.65 -17.94 14.89
CA PHE B 216 12.50 -18.43 13.81
C PHE B 216 11.89 -19.66 13.15
N VAL B 217 11.97 -19.72 11.82
CA VAL B 217 11.45 -20.86 11.04
C VAL B 217 12.57 -21.40 10.17
N TYR B 218 12.85 -22.70 10.28
CA TYR B 218 13.85 -23.31 9.42
C TYR B 218 13.33 -23.40 7.99
N VAL B 219 14.21 -23.18 7.02
CA VAL B 219 13.77 -22.99 5.65
C VAL B 219 13.04 -24.22 5.11
N ALA B 220 13.43 -25.43 5.52
CA ALA B 220 12.78 -26.62 4.99
C ALA B 220 11.32 -26.71 5.42
N ASP B 221 10.98 -26.19 6.60
CA ASP B 221 9.58 -26.17 7.01
C ASP B 221 8.80 -25.16 6.19
N LEU B 222 9.39 -23.99 5.91
CA LEU B 222 8.72 -23.03 5.03
C LEU B 222 8.48 -23.62 3.65
N VAL B 223 9.43 -24.38 3.13
CA VAL B 223 9.30 -24.96 1.80
C VAL B 223 8.13 -25.93 1.74
N LYS B 224 7.95 -26.75 2.78
CA LYS B 224 6.77 -27.61 2.86
C LYS B 224 5.49 -26.79 2.73
N ILE B 225 5.43 -25.64 3.41
CA ILE B 225 4.25 -24.81 3.36
C ILE B 225 4.06 -24.23 1.97
N LEU B 226 5.16 -23.84 1.31
CA LEU B 226 5.05 -23.25 -0.02
C LEU B 226 4.50 -24.26 -1.03
N VAL B 227 4.97 -25.52 -0.97
CA VAL B 227 4.48 -26.56 -1.87
C VAL B 227 2.99 -26.82 -1.61
N GLN B 228 2.61 -26.90 -0.34
CA GLN B 228 1.20 -27.07 0.01
C GLN B 228 0.34 -25.91 -0.51
N GLY B 229 0.89 -24.70 -0.51
CA GLY B 229 0.17 -23.57 -1.06
C GLY B 229 -0.11 -23.73 -2.54
N LEU B 230 0.84 -24.32 -3.27
CA LEU B 230 0.65 -24.59 -4.69
C LEU B 230 -0.37 -25.69 -4.94
N GLU B 231 -0.51 -26.64 -4.02
CA GLU B 231 -1.29 -27.84 -4.29
C GLU B 231 -2.65 -27.85 -3.62
N SER B 232 -2.95 -26.90 -2.75
CA SER B 232 -4.22 -26.89 -2.04
C SER B 232 -5.38 -26.64 -3.01
N PRO B 233 -6.53 -27.25 -2.77
CA PRO B 233 -7.62 -27.18 -3.76
C PRO B 233 -8.35 -25.84 -3.80
N ALA B 234 -8.49 -25.19 -2.65
CA ALA B 234 -9.18 -23.90 -2.58
C ALA B 234 -8.57 -23.07 -1.45
N PRO B 235 -7.43 -22.45 -1.69
CA PRO B 235 -6.76 -21.69 -0.62
C PRO B 235 -7.59 -20.51 -0.13
N ALA B 236 -7.41 -20.21 1.16
CA ALA B 236 -8.11 -19.08 1.76
C ALA B 236 -7.69 -17.77 1.10
N ALA B 237 -8.61 -16.81 1.11
CA ALA B 237 -8.33 -15.52 0.47
C ALA B 237 -7.41 -14.66 1.31
N ASP B 238 -7.52 -14.72 2.64
CA ASP B 238 -6.79 -13.82 3.51
C ASP B 238 -5.43 -14.40 3.88
N ALA B 239 -4.63 -13.56 4.54
CA ALA B 239 -3.23 -13.90 4.77
C ALA B 239 -3.09 -14.93 5.88
N THR B 240 -1.93 -15.61 5.88
CA THR B 240 -1.59 -16.60 6.89
C THR B 240 -0.17 -16.31 7.37
N ASN B 241 -0.01 -16.13 8.68
CA ASN B 241 1.33 -16.02 9.26
C ASN B 241 2.10 -17.31 9.01
N VAL B 242 3.39 -17.18 8.67
CA VAL B 242 4.27 -18.33 8.77
C VAL B 242 5.28 -18.02 9.87
N GLY B 243 4.84 -18.19 11.10
CA GLY B 243 5.73 -18.33 12.23
C GLY B 243 5.26 -19.53 13.02
N LEU B 244 6.15 -20.08 13.85
CA LEU B 244 5.75 -21.24 14.63
C LEU B 244 5.04 -20.86 15.92
N GLY B 245 4.98 -19.58 16.26
CA GLY B 245 4.57 -19.21 17.59
C GLY B 245 5.62 -19.56 18.64
N GLY B 246 6.87 -19.70 18.24
CA GLY B 246 7.95 -20.00 19.16
C GLY B 246 8.65 -18.75 19.64
N VAL B 247 9.34 -18.89 20.76
CA VAL B 247 10.05 -17.80 21.42
C VAL B 247 11.55 -18.16 21.51
N THR B 248 12.40 -17.38 20.86
CA THR B 248 13.85 -17.52 20.97
C THR B 248 14.45 -16.15 21.19
N THR B 249 15.09 -15.95 22.34
CA THR B 249 15.89 -14.75 22.52
C THR B 249 17.19 -14.87 21.74
N LEU B 250 17.80 -13.73 21.42
CA LEU B 250 19.12 -13.77 20.81
C LEU B 250 20.11 -14.48 21.72
N ASN B 251 19.93 -14.33 23.03
CA ASN B 251 20.82 -15.01 23.97
C ASN B 251 20.64 -16.52 23.93
N ASP B 252 19.40 -17.01 23.81
CA ASP B 252 19.18 -18.43 23.54
C ASP B 252 19.96 -18.86 22.30
N LEU B 253 19.85 -18.04 21.25
CA LEU B 253 20.50 -18.36 19.98
C LEU B 253 22.01 -18.43 20.14
N ILE B 254 22.59 -17.48 20.86
CA ILE B 254 24.05 -17.46 21.02
C ILE B 254 24.52 -18.73 21.70
N GLY B 255 23.86 -19.11 22.80
CA GLY B 255 24.27 -20.32 23.51
C GLY B 255 24.07 -21.58 22.69
N ALA B 256 22.94 -21.69 21.99
CA ALA B 256 22.68 -22.88 21.17
C ALA B 256 23.70 -23.00 20.04
N LEU B 257 24.00 -21.88 19.39
CA LEU B 257 24.97 -21.89 18.30
C LEU B 257 26.37 -22.22 18.81
N GLN B 258 26.77 -21.60 19.92
CA GLN B 258 28.10 -21.89 20.47
C GLN B 258 28.22 -23.36 20.82
N GLN B 259 27.18 -23.95 21.41
CA GLN B 259 27.24 -25.35 21.76
C GLN B 259 27.36 -26.22 20.51
N ILE B 260 26.64 -25.89 19.45
CA ILE B 260 26.70 -26.69 18.23
C ILE B 260 28.08 -26.58 17.58
N SER B 261 28.67 -25.39 17.58
CA SER B 261 29.98 -25.22 16.94
C SER B 261 31.10 -25.92 17.69
N GLY B 262 30.89 -26.29 18.95
CA GLY B 262 31.95 -26.90 19.72
C GLY B 262 33.12 -25.99 20.02
N LYS B 263 33.01 -24.70 19.72
CA LYS B 263 34.13 -23.78 19.86
C LYS B 263 33.71 -22.58 20.68
N PRO B 264 34.65 -21.93 21.36
CA PRO B 264 34.34 -20.70 22.09
C PRO B 264 33.81 -19.63 21.15
N LEU B 265 32.97 -18.74 21.69
CA LEU B 265 32.36 -17.66 20.93
C LEU B 265 32.52 -16.36 21.70
N GLN B 266 33.24 -15.41 21.12
CA GLN B 266 33.32 -14.08 21.71
C GLN B 266 32.14 -13.24 21.24
N VAL B 267 31.49 -12.56 22.18
CA VAL B 267 30.31 -11.76 21.90
C VAL B 267 30.70 -10.31 22.16
N SER B 268 30.92 -9.55 21.10
CA SER B 268 31.11 -8.11 21.27
C SER B 268 29.75 -7.42 21.33
N HIS B 269 29.77 -6.15 21.72
CA HIS B 269 28.52 -5.41 21.89
C HIS B 269 28.43 -4.27 20.90
N GLY B 270 27.18 -4.01 20.47
CA GLY B 270 26.83 -2.75 19.84
C GLY B 270 25.50 -2.27 20.37
N ALA B 271 25.20 -1.00 20.11
CA ALA B 271 23.95 -0.41 20.58
C ALA B 271 22.76 -1.10 19.92
N THR B 272 21.62 -1.04 20.62
CA THR B 272 20.38 -1.51 20.03
C THR B 272 20.15 -0.81 18.69
N ARG B 273 19.77 -1.59 17.68
CA ARG B 273 19.53 -1.02 16.36
C ARG B 273 18.32 -0.09 16.38
N SER B 274 18.42 0.99 15.59
CA SER B 274 17.40 2.03 15.61
C SER B 274 16.01 1.50 15.29
N GLY B 275 15.90 0.60 14.32
CA GLY B 275 14.56 0.17 13.94
C GLY B 275 14.11 -1.13 14.59
N ASP B 276 14.79 -1.53 15.67
CA ASP B 276 14.64 -2.89 16.20
C ASP B 276 13.32 -3.08 16.93
N ILE B 277 12.55 -4.08 16.52
CA ILE B 277 11.41 -4.55 17.30
C ILE B 277 11.92 -5.54 18.34
N ARG B 278 11.57 -5.31 19.61
CA ARG B 278 12.12 -6.15 20.67
C ARG B 278 11.54 -7.56 20.63
N HIS B 279 10.21 -7.68 20.63
CA HIS B 279 9.53 -8.96 20.71
C HIS B 279 8.67 -9.19 19.48
N SER B 280 8.88 -10.32 18.82
CA SER B 280 8.12 -10.68 17.62
C SER B 280 7.75 -12.15 17.69
N LYS B 281 6.45 -12.45 17.61
CA LYS B 281 5.97 -13.82 17.70
C LYS B 281 4.66 -13.92 16.94
N ALA B 282 4.52 -14.98 16.14
CA ALA B 282 3.30 -15.17 15.37
C ALA B 282 2.26 -15.91 16.20
N ASP B 283 0.99 -15.55 15.97
CA ASP B 283 -0.14 -16.40 16.32
C ASP B 283 -0.24 -17.46 15.22
N ASN B 284 -0.01 -18.71 15.59
CA ASN B 284 0.10 -19.80 14.63
C ASN B 284 -1.22 -20.50 14.31
N ARG B 285 -2.36 -19.95 14.74
CA ARG B 285 -3.61 -20.71 14.67
C ARG B 285 -4.07 -20.89 13.22
N ARG B 286 -4.11 -19.81 12.43
CA ARG B 286 -4.49 -19.96 11.03
C ARG B 286 -3.56 -20.90 10.30
N LEU B 287 -2.25 -20.79 10.57
CA LEU B 287 -1.28 -21.68 9.92
C LEU B 287 -1.54 -23.13 10.27
N ARG B 288 -1.80 -23.42 11.55
CA ARG B 288 -2.04 -24.80 11.95
C ARG B 288 -3.36 -25.34 11.38
N GLU B 289 -4.33 -24.46 11.14
CA GLU B 289 -5.60 -24.89 10.56
C GLU B 289 -5.50 -25.15 9.07
N ARG B 290 -4.68 -24.37 8.36
CA ARG B 290 -4.69 -24.37 6.90
C ARG B 290 -3.62 -25.24 6.29
N PHE B 291 -2.59 -25.59 7.04
CA PHE B 291 -1.48 -26.35 6.51
C PHE B 291 -1.16 -27.50 7.45
N ASP B 292 -0.57 -28.56 6.88
CA ASP B 292 -0.05 -29.68 7.66
C ASP B 292 1.42 -29.40 7.94
N LEU B 293 1.72 -29.00 9.17
CA LEU B 293 3.08 -28.66 9.57
C LEU B 293 3.91 -29.89 9.93
N GLY B 294 3.27 -31.00 10.29
CA GLY B 294 4.01 -32.14 10.79
C GLY B 294 4.69 -31.80 12.11
N THR B 295 5.95 -32.22 12.22
CA THR B 295 6.80 -31.84 13.35
C THR B 295 7.89 -30.91 12.84
N PRO B 296 7.73 -29.58 13.00
CA PRO B 296 8.76 -28.66 12.51
C PRO B 296 10.10 -28.90 13.15
N SER B 297 11.15 -28.41 12.50
CA SER B 297 12.48 -28.47 13.09
C SER B 297 12.57 -27.52 14.27
N SER B 298 13.12 -28.00 15.38
CA SER B 298 13.42 -27.09 16.47
C SER B 298 14.57 -26.17 16.07
N LEU B 299 14.79 -25.12 16.86
CA LEU B 299 15.92 -24.22 16.63
C LEU B 299 17.23 -25.00 16.57
N ALA B 300 17.47 -25.86 17.58
CA ALA B 300 18.72 -26.62 17.63
C ALA B 300 18.90 -27.48 16.38
N GLU B 301 17.84 -28.19 15.98
CA GLU B 301 17.91 -29.03 14.79
C GLU B 301 18.21 -28.19 13.55
N GLY B 302 17.58 -27.02 13.43
CA GLY B 302 17.84 -26.17 12.28
C GLY B 302 19.24 -25.58 12.28
N LEU B 303 19.72 -25.18 13.46
CA LEU B 303 21.06 -24.61 13.57
C LEU B 303 22.12 -25.64 13.24
N GLU B 304 21.92 -26.87 13.70
CA GLU B 304 22.84 -27.97 13.39
C GLU B 304 22.93 -28.21 11.89
N ARG B 305 21.77 -28.32 11.23
CA ARG B 305 21.77 -28.50 9.78
C ARG B 305 22.49 -27.34 9.10
N LEU B 306 22.22 -26.12 9.54
CA LEU B 306 22.93 -24.97 8.97
C LEU B 306 24.43 -25.08 9.22
N TYR B 307 24.83 -25.30 10.48
CA TYR B 307 26.25 -25.29 10.79
C TYR B 307 27.00 -26.36 10.01
N ARG B 308 26.43 -27.57 9.93
CA ARG B 308 27.10 -28.68 9.25
C ARG B 308 27.23 -28.46 7.75
N SER B 309 26.44 -27.54 7.18
CA SER B 309 26.63 -27.16 5.78
C SER B 309 27.65 -26.05 5.60
N LEU B 310 28.12 -25.46 6.71
CA LEU B 310 28.86 -24.19 6.86
C LEU B 310 27.90 -23.02 7.12
PA NAD C . -10.36 16.04 -10.22
O1A NAD C . -10.22 14.97 -11.26
O2A NAD C . -11.19 17.21 -10.68
O5B NAD C . -8.95 16.62 -9.69
C5B NAD C . -7.87 15.74 -9.98
C4B NAD C . -6.83 16.60 -10.68
O4B NAD C . -5.55 15.97 -10.77
C3B NAD C . -7.25 17.01 -12.10
O3B NAD C . -7.05 18.40 -12.26
C2B NAD C . -6.27 16.19 -12.99
O2B NAD C . -5.98 16.87 -14.21
C1B NAD C . -5.03 16.13 -12.08
N9A NAD C . -4.16 14.99 -12.37
C8A NAD C . -4.52 13.69 -12.51
N7A NAD C . -3.50 12.90 -12.76
C5A NAD C . -2.41 13.72 -12.78
C6A NAD C . -1.04 13.50 -13.00
N6A NAD C . -0.53 12.24 -13.24
N1A NAD C . -0.24 14.57 -12.94
C2A NAD C . -0.74 15.77 -12.70
N3A NAD C . -2.01 16.11 -12.49
C4A NAD C . -2.81 15.03 -12.54
O3 NAD C . -11.11 15.44 -8.92
PN NAD C . -11.13 16.01 -7.44
O1N NAD C . -10.84 17.54 -7.35
O2N NAD C . -12.52 15.63 -6.91
O5D NAD C . -10.00 15.18 -6.66
C5D NAD C . -8.93 15.91 -6.06
C4D NAD C . -8.25 14.96 -5.04
O4D NAD C . -9.19 14.60 -3.99
C3D NAD C . -7.87 13.62 -5.71
O3D NAD C . -6.63 13.14 -5.16
C2D NAD C . -9.04 12.70 -5.32
O2D NAD C . -8.71 11.31 -5.40
C1D NAD C . -9.27 13.19 -3.88
N1N NAD C . -10.62 12.85 -3.40
C2N NAD C . -11.72 13.45 -3.87
C3N NAD C . -12.99 13.12 -3.38
C7N NAD C . -14.24 13.76 -3.86
O7N NAD C . -14.22 14.62 -4.74
N7N NAD C . -15.38 13.39 -3.29
C4N NAD C . -13.09 12.13 -2.38
C5N NAD C . -11.92 11.53 -1.92
C6N NAD C . -10.70 11.92 -2.45
C1' UD2 D . -17.48 7.30 -3.37
C2' UD2 D . -16.59 7.60 -4.54
C3' UD2 D . -16.07 6.29 -5.08
C4' UD2 D . -15.29 5.54 -4.02
C5' UD2 D . -16.19 5.32 -2.81
C6' UD2 D . -15.33 4.83 -1.66
C7' UD2 D . -17.02 9.60 -5.77
C8' UD2 D . -17.78 10.30 -6.89
N2' UD2 D . -17.28 8.30 -5.57
O1' UD2 D . -18.59 6.58 -3.85
O3' UD2 D . -15.26 6.54 -6.22
O4' UD2 D . -14.16 6.29 -3.64
O5' UD2 D . -16.79 6.54 -2.39
O6' UD2 D . -16.14 4.34 -0.61
O7' UD2 D . -16.21 10.19 -5.08
N1 UD2 D . -26.11 6.92 -7.34
C2 UD2 D . -27.40 6.88 -7.90
N3 UD2 D . -27.66 7.37 -9.16
C4 UD2 D . -26.64 7.90 -9.84
C5 UD2 D . -25.23 7.98 -9.28
C6 UD2 D . -25.06 7.47 -8.00
O2 UD2 D . -28.32 6.40 -7.28
O4 UD2 D . -26.85 8.36 -10.94
C1B UD2 D . -25.91 6.41 -6.05
C2B UD2 D . -24.79 5.43 -5.97
O2' UD2 D . -25.19 4.09 -6.34
C3B UD2 D . -24.44 5.48 -4.49
C4B UD2 D . -24.74 6.92 -4.08
O4B UD2 D . -25.56 7.45 -5.16
O3B UD2 D . -25.36 4.63 -3.74
C5B UD2 D . -23.50 7.70 -3.91
O5B UD2 D . -22.73 7.59 -5.09
PA UD2 D . -21.34 8.32 -5.22
O1A UD2 D . -20.57 7.68 -6.33
O2A UD2 D . -21.51 9.81 -5.44
O3A UD2 D . -20.53 8.14 -3.88
PB UD2 D . -19.99 6.83 -3.19
O1B UD2 D . -20.91 5.68 -3.45
O2B UD2 D . -19.87 7.01 -1.69
PA NAD E . 17.04 -13.56 -1.14
O1A NAD E . 18.06 -14.66 -1.11
O2A NAD E . 17.63 -12.19 -1.29
O5B NAD E . 15.96 -13.91 -2.29
C5B NAD E . 15.52 -12.75 -3.02
C4B NAD E . 15.70 -13.15 -4.47
O4B NAD E . 14.99 -12.29 -5.37
C3B NAD E . 17.18 -13.17 -4.91
O3B NAD E . 17.43 -14.41 -5.59
C2B NAD E . 17.26 -11.96 -5.87
O2B NAD E . 18.26 -12.18 -6.87
C1B NAD E . 15.83 -11.97 -6.46
N9A NAD E . 15.40 -10.65 -6.96
C8A NAD E . 15.46 -9.46 -6.30
N7A NAD E . 15.01 -8.46 -7.01
C5A NAD E . 14.64 -9.01 -8.21
C6A NAD E . 14.10 -8.48 -9.39
N6A NAD E . 13.83 -7.14 -9.49
N1A NAD E . 13.85 -9.32 -10.40
C2A NAD E . 14.13 -10.62 -10.27
N3A NAD E . 14.65 -11.25 -9.23
C4A NAD E . 14.90 -10.38 -8.21
O3 NAD E . 16.25 -13.61 0.25
PN NAD E . 15.08 -14.56 0.72
O1N NAD E . 15.22 -14.62 2.25
O2N NAD E . 15.20 -15.95 0.04
O5D NAD E . 13.69 -13.77 0.39
C5D NAD E . 12.75 -14.40 -0.50
C4D NAD E . 11.39 -13.71 -0.29
O4D NAD E . 10.96 -13.89 1.09
C3D NAD E . 11.48 -12.17 -0.48
O3D NAD E . 10.26 -11.68 -1.07
C2D NAD E . 11.63 -11.68 0.98
O2D NAD E . 11.30 -10.29 1.11
C1D NAD E . 10.65 -12.63 1.69
N1N NAD E . 10.88 -12.73 3.14
C2N NAD E . 11.95 -13.35 3.64
C3N NAD E . 12.16 -13.44 5.03
C7N NAD E . 13.34 -14.14 5.60
O7N NAD E . 14.16 -14.71 4.88
N7N NAD E . 13.50 -14.10 6.90
C4N NAD E . 11.21 -12.84 5.88
C5N NAD E . 10.11 -12.19 5.33
C6N NAD E . 9.98 -12.16 3.94
C1' UD2 F . 12.95 -8.53 10.03
O1' UD2 F . 14.18 -8.11 10.57
N1 UD2 F . 21.40 -8.57 15.38
C2 UD2 F . 22.56 -8.65 16.17
N3 UD2 F . 23.82 -8.76 15.60
C4 UD2 F . 23.92 -8.80 14.27
C5 UD2 F . 22.69 -8.72 13.37
C6 UD2 F . 21.46 -8.62 14.03
O2 UD2 F . 22.47 -8.62 17.38
O4 UD2 F . 25.01 -8.89 13.74
C1B UD2 F . 20.14 -8.49 15.98
C2B UD2 F . 19.27 -7.43 15.40
O2' UD2 F . 19.44 -6.13 16.01
C3B UD2 F . 17.86 -7.93 15.69
C4B UD2 F . 18.00 -9.45 15.69
O4B UD2 F . 19.43 -9.71 15.82
O3B UD2 F . 17.47 -7.54 17.02
C5B UD2 F . 17.43 -10.03 14.45
O5B UD2 F . 17.67 -9.17 13.35
PA UD2 F . 17.37 -9.68 11.90
O1A UD2 F . 17.88 -11.07 11.61
O2A UD2 F . 18.02 -8.69 10.95
O3A UD2 F . 15.82 -9.69 11.65
PB UD2 F . 14.68 -8.65 11.97
O1B UD2 F . 15.20 -7.56 12.88
O2B UD2 F . 13.62 -9.39 12.77
#